data_1S16
#
_entry.id   1S16
#
_cell.length_a   94.900
_cell.length_b   120.800
_cell.length_c   136.800
_cell.angle_alpha   90.00
_cell.angle_beta   90.00
_cell.angle_gamma   90.00
#
_symmetry.space_group_name_H-M   'P 21 21 21'
#
loop_
_entity.id
_entity.type
_entity.pdbx_description
1 polymer 'Topoisomerase IV subunit B'
2 non-polymer 'MAGNESIUM ION'
3 non-polymer 'SULFATE ION'
4 non-polymer 'PHOSPHOAMINOPHOSPHONIC ACID-ADENYLATE ESTER'
5 water water
#
_entity_poly.entity_id   1
_entity_poly.type   'polypeptide(L)'
_entity_poly.pdbx_seq_one_letter_code
;MTQTYNADAIEVLTGLEPVRRRPGMYTDTTRPNHLGQEVIDNSVDEALAGHAKRVDVILHADQSLEVIDDGRGMPVDIHP
EEGVPAVELILCRLHAGGKFSNKNYQFSGGLHGVGISVVNALSKRVEVNVRRDGQVYNIAFENGEKVQDLQVVGTCGKRN
TGTSVHFWPDETFFDSPRFSVSRLTHVLKAKAVLCPGVEITFKDEINNTEQRWCYQDGLNDYLAEAVNGLPTLPEKPFIG
NFAGDTEAVDWALLWLPEGGELLTESYVNLIPTMQGGTHVNGLRQGLLDAMREFCEYRNILPRGVKLSAEDIWDRCAYVL
SVKMQDPQFAGQTKERLSSRQCAAFVSGVVKDAFILWLNQNVQAAELLAEMAISSAQRRMRAAKKVVRKK
;
_entity_poly.pdbx_strand_id   A,B
#
loop_
_chem_comp.id
_chem_comp.type
_chem_comp.name
_chem_comp.formula
ANP non-polymer 'PHOSPHOAMINOPHOSPHONIC ACID-ADENYLATE ESTER' 'C10 H17 N6 O12 P3'
MG non-polymer 'MAGNESIUM ION' 'Mg 2'
SO4 non-polymer 'SULFATE ION' 'O4 S -2'
#
# COMPACT_ATOMS: atom_id res chain seq x y z
N THR A 4 -17.23 13.72 27.62
CA THR A 4 -16.92 15.01 26.93
C THR A 4 -16.00 14.77 25.75
N TYR A 5 -16.03 15.69 24.79
CA TYR A 5 -15.19 15.60 23.61
C TYR A 5 -14.66 16.99 23.31
N ASN A 6 -13.69 17.41 24.12
CA ASN A 6 -13.07 18.73 24.01
C ASN A 6 -11.64 18.64 23.47
N ALA A 7 -10.93 19.77 23.51
CA ALA A 7 -9.56 19.82 23.03
C ALA A 7 -8.66 18.73 23.62
N ASP A 8 -8.85 18.44 24.91
CA ASP A 8 -8.05 17.43 25.58
C ASP A 8 -8.20 16.04 24.95
N ALA A 9 -9.18 15.87 24.08
CA ALA A 9 -9.41 14.59 23.41
C ALA A 9 -8.40 14.37 22.28
N ILE A 10 -7.82 15.46 21.80
CA ILE A 10 -6.85 15.38 20.71
C ILE A 10 -5.45 15.09 21.24
N GLU A 11 -4.87 13.97 20.81
CA GLU A 11 -3.53 13.59 21.25
C GLU A 11 -2.50 13.87 20.16
N VAL A 12 -1.36 14.42 20.55
CA VAL A 12 -0.31 14.73 19.60
C VAL A 12 0.87 13.79 19.82
N LEU A 13 1.03 12.83 18.92
CA LEU A 13 2.13 11.87 19.01
C LEU A 13 3.39 12.47 18.43
N THR A 14 4.51 12.33 19.14
CA THR A 14 5.78 12.88 18.67
C THR A 14 6.90 11.85 18.66
N GLY A 15 8.03 12.24 18.06
CA GLY A 15 9.18 11.35 17.99
C GLY A 15 8.89 10.10 17.17
N LEU A 16 9.11 8.94 17.77
CA LEU A 16 8.88 7.66 17.10
C LEU A 16 7.56 7.03 17.55
N GLU A 17 6.86 7.72 18.44
CA GLU A 17 5.57 7.24 18.96
C GLU A 17 4.57 6.84 17.87
N PRO A 18 4.46 7.63 16.79
CA PRO A 18 3.50 7.24 15.76
C PRO A 18 3.83 5.88 15.13
N VAL A 19 5.10 5.55 15.02
CA VAL A 19 5.49 4.27 14.45
C VAL A 19 5.16 3.13 15.43
N ARG A 20 5.38 3.36 16.71
CA ARG A 20 5.10 2.32 17.70
C ARG A 20 3.60 2.17 17.92
N ARG A 21 2.85 3.24 17.68
CA ARG A 21 1.41 3.21 17.84
C ARG A 21 0.72 2.68 16.59
N ARG A 22 1.24 3.03 15.42
CA ARG A 22 0.64 2.58 14.16
C ARG A 22 1.69 1.94 13.25
N PRO A 23 2.19 0.76 13.64
CA PRO A 23 3.20 -0.02 12.93
C PRO A 23 2.82 -0.37 11.50
N GLY A 24 1.55 -0.73 11.32
CA GLY A 24 1.08 -1.14 10.01
C GLY A 24 1.29 -0.17 8.87
N MET A 25 1.34 1.11 9.21
CA MET A 25 1.51 2.17 8.22
C MET A 25 2.97 2.42 7.85
N TYR A 26 3.89 1.89 8.65
CA TYR A 26 5.30 2.11 8.41
C TYR A 26 6.12 0.91 7.96
N THR A 27 5.57 -0.29 8.10
CA THR A 27 6.34 -1.46 7.70
C THR A 27 5.44 -2.64 7.39
N ASP A 28 6.06 -3.75 7.00
CA ASP A 28 5.34 -4.98 6.72
C ASP A 28 5.39 -5.71 8.06
N THR A 29 4.26 -5.78 8.75
CA THR A 29 4.22 -6.44 10.06
C THR A 29 4.15 -7.95 10.02
N THR A 30 4.23 -8.54 8.82
CA THR A 30 4.18 -9.99 8.69
C THR A 30 5.42 -10.60 9.36
N ARG A 31 6.57 -9.99 9.13
CA ARG A 31 7.83 -10.44 9.70
C ARG A 31 8.78 -9.25 9.62
N PRO A 32 9.93 -9.31 10.31
CA PRO A 32 10.88 -8.19 10.29
C PRO A 32 11.75 -7.98 9.04
N ASN A 33 11.59 -8.83 8.02
CA ASN A 33 12.39 -8.68 6.81
C ASN A 33 12.42 -7.26 6.24
N HIS A 34 11.27 -6.60 6.20
CA HIS A 34 11.25 -5.27 5.63
C HIS A 34 12.08 -4.28 6.41
N LEU A 35 12.16 -4.46 7.72
CA LEU A 35 12.99 -3.61 8.56
C LEU A 35 14.42 -3.78 8.01
N GLY A 36 14.77 -5.03 7.71
CA GLY A 36 16.10 -5.31 7.18
C GLY A 36 16.35 -4.62 5.85
N GLN A 37 15.32 -4.58 5.01
CA GLN A 37 15.43 -3.95 3.71
C GLN A 37 15.66 -2.44 3.82
N GLU A 38 15.07 -1.81 4.82
CA GLU A 38 15.27 -0.37 5.01
C GLU A 38 16.77 -0.13 5.19
N VAL A 39 17.39 -0.94 6.05
CA VAL A 39 18.82 -0.81 6.33
C VAL A 39 19.67 -1.16 5.10
N ILE A 40 19.34 -2.28 4.46
CA ILE A 40 20.05 -2.72 3.26
C ILE A 40 19.97 -1.67 2.15
N ASP A 41 18.79 -1.11 1.95
CA ASP A 41 18.56 -0.08 0.94
C ASP A 41 19.48 1.12 1.16
N ASN A 42 19.62 1.54 2.42
CA ASN A 42 20.48 2.67 2.72
C ASN A 42 21.93 2.36 2.34
N SER A 43 22.38 1.13 2.57
CA SER A 43 23.74 0.77 2.21
C SER A 43 23.88 0.71 0.69
N VAL A 44 22.85 0.19 0.03
CA VAL A 44 22.85 0.08 -1.42
C VAL A 44 22.89 1.48 -2.05
N ASP A 45 22.23 2.44 -1.41
CA ASP A 45 22.24 3.81 -1.95
C ASP A 45 23.67 4.33 -1.97
N GLU A 46 24.47 3.97 -0.96
CA GLU A 46 25.87 4.39 -0.93
C GLU A 46 26.61 3.71 -2.10
N ALA A 47 26.29 2.44 -2.34
CA ALA A 47 26.95 1.72 -3.43
C ALA A 47 26.54 2.35 -4.77
N LEU A 48 25.26 2.65 -4.92
CA LEU A 48 24.76 3.27 -6.15
C LEU A 48 25.45 4.60 -6.42
N ALA A 49 25.76 5.34 -5.36
CA ALA A 49 26.43 6.63 -5.51
C ALA A 49 27.93 6.43 -5.73
N GLY A 50 28.36 5.18 -5.73
CA GLY A 50 29.76 4.87 -5.93
C GLY A 50 30.66 5.01 -4.71
N HIS A 51 30.07 5.03 -3.52
CA HIS A 51 30.87 5.18 -2.31
C HIS A 51 31.15 3.85 -1.62
N ALA A 52 30.18 2.95 -1.65
CA ALA A 52 30.36 1.65 -1.02
C ALA A 52 30.66 0.59 -2.08
N LYS A 53 31.55 -0.34 -1.74
CA LYS A 53 31.94 -1.41 -2.67
C LYS A 53 31.36 -2.73 -2.19
N ARG A 54 30.91 -2.78 -0.94
CA ARG A 54 30.35 -4.01 -0.42
C ARG A 54 29.34 -3.79 0.69
N VAL A 55 28.38 -4.71 0.77
CA VAL A 55 27.36 -4.69 1.79
C VAL A 55 27.30 -6.09 2.37
N ASP A 56 27.61 -6.21 3.66
CA ASP A 56 27.59 -7.50 4.30
C ASP A 56 26.41 -7.59 5.26
N VAL A 57 25.63 -8.65 5.14
CA VAL A 57 24.48 -8.84 6.02
C VAL A 57 24.69 -10.10 6.86
N ILE A 58 24.32 -10.05 8.13
CA ILE A 58 24.49 -11.19 9.00
C ILE A 58 23.23 -11.47 9.82
N LEU A 59 22.70 -12.68 9.68
CA LEU A 59 21.52 -13.08 10.45
C LEU A 59 22.14 -13.83 11.64
N HIS A 60 22.02 -13.22 12.82
CA HIS A 60 22.57 -13.80 14.04
C HIS A 60 21.65 -14.85 14.66
N ALA A 61 22.24 -15.81 15.36
CA ALA A 61 21.49 -16.89 15.99
C ALA A 61 20.29 -16.42 16.81
N ASP A 62 20.40 -15.24 17.44
CA ASP A 62 19.30 -14.70 18.24
C ASP A 62 18.26 -14.00 17.39
N GLN A 63 18.32 -14.21 16.08
CA GLN A 63 17.37 -13.62 15.16
C GLN A 63 17.49 -12.10 15.03
N SER A 64 18.68 -11.56 15.29
CA SER A 64 18.90 -10.13 15.14
C SER A 64 19.57 -9.99 13.77
N LEU A 65 19.54 -8.78 13.21
CA LEU A 65 20.14 -8.59 11.89
C LEU A 65 21.18 -7.47 11.92
N GLU A 66 22.31 -7.72 11.27
CA GLU A 66 23.38 -6.74 11.19
C GLU A 66 23.71 -6.46 9.73
N VAL A 67 23.77 -5.18 9.39
CA VAL A 67 24.07 -4.77 8.04
C VAL A 67 25.27 -3.83 8.06
N ILE A 68 26.33 -4.21 7.36
CA ILE A 68 27.56 -3.43 7.31
C ILE A 68 27.93 -3.01 5.90
N ASP A 69 28.31 -1.75 5.73
CA ASP A 69 28.70 -1.26 4.41
C ASP A 69 29.99 -0.45 4.55
N ASP A 70 30.69 -0.26 3.44
CA ASP A 70 31.92 0.51 3.48
C ASP A 70 31.74 1.85 2.75
N GLY A 71 30.58 2.47 2.96
CA GLY A 71 30.30 3.75 2.32
C GLY A 71 30.90 4.91 3.10
N ARG A 72 30.34 6.10 2.93
CA ARG A 72 30.82 7.31 3.60
C ARG A 72 30.56 7.33 5.10
N GLY A 73 29.63 6.49 5.56
CA GLY A 73 29.30 6.45 6.97
C GLY A 73 28.28 7.52 7.30
N MET A 74 27.36 7.21 8.22
CA MET A 74 26.36 8.20 8.63
C MET A 74 27.10 9.36 9.29
N PRO A 75 26.71 10.61 8.96
CA PRO A 75 27.35 11.80 9.55
C PRO A 75 27.20 11.79 11.07
N VAL A 76 28.29 12.02 11.78
CA VAL A 76 28.24 12.03 13.23
C VAL A 76 28.46 13.41 13.85
N ASP A 77 28.85 14.40 13.04
CA ASP A 77 29.06 15.75 13.56
C ASP A 77 27.74 16.42 13.97
N ILE A 78 27.83 17.46 14.78
CA ILE A 78 26.65 18.17 15.27
C ILE A 78 25.90 18.89 14.17
N HIS A 79 24.59 18.68 14.13
CA HIS A 79 23.75 19.32 13.12
C HIS A 79 23.66 20.81 13.43
N PRO A 80 24.05 21.66 12.47
CA PRO A 80 24.04 23.11 12.65
C PRO A 80 22.73 23.72 13.17
N GLU A 81 21.60 23.09 12.88
CA GLU A 81 20.33 23.63 13.35
C GLU A 81 19.72 22.90 14.53
N GLU A 82 19.84 21.58 14.55
CA GLU A 82 19.26 20.79 15.63
C GLU A 82 20.16 20.64 16.86
N GLY A 83 21.44 20.97 16.70
CA GLY A 83 22.37 20.87 17.82
C GLY A 83 22.54 19.48 18.40
N VAL A 84 22.47 18.46 17.53
CA VAL A 84 22.63 17.08 17.96
C VAL A 84 23.38 16.33 16.85
N PRO A 85 24.12 15.27 17.20
CA PRO A 85 24.82 14.56 16.12
C PRO A 85 23.85 14.05 15.06
N ALA A 86 24.20 14.25 13.80
CA ALA A 86 23.34 13.84 12.69
C ALA A 86 22.79 12.43 12.91
N VAL A 87 23.64 11.53 13.40
CA VAL A 87 23.24 10.14 13.67
C VAL A 87 21.96 10.01 14.50
N GLU A 88 21.88 10.73 15.61
CA GLU A 88 20.69 10.68 16.47
C GLU A 88 19.47 11.15 15.70
N LEU A 89 19.66 12.18 14.89
CA LEU A 89 18.62 12.77 14.08
C LEU A 89 18.07 11.74 13.08
N ILE A 90 18.99 11.02 12.43
CA ILE A 90 18.65 10.01 11.45
C ILE A 90 17.89 8.83 12.07
N LEU A 91 18.32 8.42 13.26
CA LEU A 91 17.70 7.30 13.97
C LEU A 91 16.42 7.59 14.73
N CYS A 92 16.31 8.79 15.28
CA CYS A 92 15.15 9.13 16.09
C CYS A 92 14.11 10.06 15.51
N ARG A 93 14.33 10.61 14.32
CA ARG A 93 13.34 11.52 13.78
C ARG A 93 12.76 11.14 12.43
N LEU A 94 11.43 11.10 12.36
CA LEU A 94 10.72 10.77 11.12
C LEU A 94 10.86 11.93 10.15
N HIS A 95 10.97 11.62 8.87
CA HIS A 95 11.12 12.66 7.85
C HIS A 95 12.37 13.50 8.04
N ALA A 96 13.46 12.81 8.36
CA ALA A 96 14.76 13.44 8.53
C ALA A 96 15.74 12.55 7.77
N GLY A 97 16.33 13.09 6.71
CA GLY A 97 17.27 12.33 5.92
C GLY A 97 18.02 13.17 4.91
N GLY A 98 18.88 12.52 4.13
CA GLY A 98 19.65 13.24 3.14
C GLY A 98 19.22 12.96 1.70
N LYS A 99 17.99 12.51 1.52
CA LYS A 99 17.50 12.22 0.18
C LYS A 99 16.25 12.99 -0.21
N PHE A 100 16.08 14.19 0.35
CA PHE A 100 14.93 15.02 0.00
C PHE A 100 15.31 15.90 -1.20
N SER A 101 16.55 15.77 -1.65
CA SER A 101 17.05 16.50 -2.82
C SER A 101 18.01 15.52 -3.50
N ASN A 102 18.77 15.99 -4.48
CA ASN A 102 19.70 15.10 -5.16
C ASN A 102 21.13 15.53 -4.86
N LYS A 103 21.31 16.22 -3.74
CA LYS A 103 22.63 16.72 -3.35
C LYS A 103 23.55 15.65 -2.77
N ASN A 104 22.98 14.64 -2.12
CA ASN A 104 23.78 13.58 -1.50
C ASN A 104 23.80 12.27 -2.29
N TYR A 105 22.74 12.02 -3.07
CA TYR A 105 22.63 10.82 -3.90
C TYR A 105 21.84 11.19 -5.16
N GLN A 106 22.33 10.77 -6.32
CA GLN A 106 21.63 11.06 -7.57
C GLN A 106 20.42 10.14 -7.69
N PHE A 107 20.65 8.83 -7.63
CA PHE A 107 19.56 7.86 -7.70
C PHE A 107 19.56 7.03 -6.42
N SER A 108 18.55 7.21 -5.57
CA SER A 108 18.48 6.45 -4.34
C SER A 108 17.13 5.81 -4.12
N GLY A 109 17.12 4.65 -3.46
CA GLY A 109 15.88 3.97 -3.16
C GLY A 109 15.18 4.73 -2.05
N GLY A 110 15.98 5.38 -1.19
CA GLY A 110 15.42 6.15 -0.11
C GLY A 110 14.95 7.52 -0.54
N LEU A 111 13.91 8.03 0.13
CA LEU A 111 13.36 9.36 -0.16
C LEU A 111 12.47 9.93 0.93
N HIS A 112 12.03 9.08 1.86
CA HIS A 112 11.13 9.52 2.92
C HIS A 112 11.76 10.07 4.20
N GLY A 113 13.01 9.68 4.48
CA GLY A 113 13.66 10.13 5.70
C GLY A 113 12.97 9.45 6.88
N VAL A 114 12.50 8.22 6.63
CA VAL A 114 11.77 7.45 7.63
C VAL A 114 12.30 6.05 7.95
N GLY A 115 12.78 5.34 6.93
CA GLY A 115 13.26 3.99 7.07
C GLY A 115 13.99 3.55 8.34
N ILE A 116 15.24 3.96 8.49
CA ILE A 116 16.03 3.57 9.66
C ILE A 116 15.36 3.99 10.97
N SER A 117 14.63 5.10 10.97
CA SER A 117 13.96 5.50 12.20
C SER A 117 12.81 4.54 12.55
N VAL A 118 12.26 3.86 11.54
CA VAL A 118 11.20 2.88 11.77
C VAL A 118 11.86 1.62 12.34
N VAL A 119 13.05 1.30 11.84
CA VAL A 119 13.79 0.15 12.34
C VAL A 119 14.06 0.38 13.83
N ASN A 120 14.46 1.62 14.17
CA ASN A 120 14.74 1.98 15.55
C ASN A 120 13.48 1.86 16.42
N ALA A 121 12.38 2.46 15.95
CA ALA A 121 11.12 2.44 16.70
C ALA A 121 10.59 1.04 17.01
N LEU A 122 10.78 0.11 16.07
CA LEU A 122 10.29 -1.25 16.25
C LEU A 122 11.31 -2.28 16.73
N SER A 123 12.43 -1.82 17.26
CA SER A 123 13.47 -2.73 17.75
C SER A 123 13.73 -2.64 19.25
N LYS A 124 13.91 -3.80 19.89
CA LYS A 124 14.19 -3.82 21.32
C LYS A 124 15.53 -3.14 21.56
N ARG A 125 16.40 -3.19 20.55
CA ARG A 125 17.71 -2.58 20.63
C ARG A 125 18.31 -2.33 19.25
N VAL A 126 19.07 -1.24 19.12
CA VAL A 126 19.74 -0.92 17.87
C VAL A 126 21.12 -0.37 18.20
N GLU A 127 22.15 -0.95 17.59
CA GLU A 127 23.50 -0.47 17.82
C GLU A 127 24.01 0.04 16.47
N VAL A 128 24.57 1.24 16.47
CA VAL A 128 25.08 1.80 15.23
C VAL A 128 26.56 2.14 15.40
N ASN A 129 27.34 1.76 14.40
CA ASN A 129 28.77 2.03 14.41
C ASN A 129 29.21 2.72 13.14
N VAL A 130 29.91 3.82 13.30
CA VAL A 130 30.37 4.58 12.15
C VAL A 130 31.89 4.76 12.15
N ARG A 131 32.46 4.61 10.96
CA ARG A 131 33.90 4.79 10.77
C ARG A 131 34.10 6.02 9.89
N ARG A 132 34.69 7.07 10.45
CA ARG A 132 34.98 8.31 9.73
C ARG A 132 36.11 9.07 10.42
N ASP A 133 36.94 9.73 9.61
CA ASP A 133 38.06 10.51 10.14
C ASP A 133 39.07 9.65 10.87
N GLY A 134 39.17 8.38 10.51
CA GLY A 134 40.12 7.51 11.18
C GLY A 134 39.66 7.15 12.59
N GLN A 135 38.39 7.39 12.88
CA GLN A 135 37.84 7.07 14.19
C GLN A 135 36.56 6.25 14.08
N VAL A 136 36.26 5.51 15.14
CA VAL A 136 35.06 4.69 15.17
C VAL A 136 34.14 5.23 16.25
N TYR A 137 32.88 5.45 15.88
CA TYR A 137 31.87 5.98 16.77
C TYR A 137 30.77 4.95 17.03
N ASN A 138 30.22 5.00 18.23
CA ASN A 138 29.15 4.09 18.62
C ASN A 138 28.01 4.86 19.26
N ILE A 139 26.79 4.36 19.09
CA ILE A 139 25.60 4.96 19.67
C ILE A 139 24.55 3.85 19.68
N ALA A 140 23.73 3.79 20.73
CA ALA A 140 22.73 2.74 20.83
C ALA A 140 21.37 3.19 21.31
N PHE A 141 20.36 2.40 20.96
CA PHE A 141 18.97 2.70 21.33
C PHE A 141 18.26 1.42 21.76
N GLU A 142 17.17 1.59 22.49
CA GLU A 142 16.34 0.47 22.94
C GLU A 142 14.91 0.96 22.94
N ASN A 143 14.02 0.21 22.28
CA ASN A 143 12.62 0.58 22.18
C ASN A 143 12.48 1.96 21.56
N GLY A 144 13.42 2.32 20.69
CA GLY A 144 13.37 3.62 20.05
C GLY A 144 14.04 4.75 20.81
N GLU A 145 14.36 4.52 22.08
CA GLU A 145 15.01 5.55 22.89
C GLU A 145 16.52 5.36 23.04
N LYS A 146 17.26 6.45 22.92
CA LYS A 146 18.69 6.40 23.06
C LYS A 146 19.06 5.99 24.48
N VAL A 147 19.96 5.03 24.60
CA VAL A 147 20.41 4.56 25.90
C VAL A 147 21.92 4.69 25.99
N GLN A 148 22.55 5.08 24.88
CA GLN A 148 23.99 5.25 24.83
C GLN A 148 24.36 6.41 23.90
N ASP A 149 24.90 7.47 24.49
CA ASP A 149 25.31 8.66 23.74
C ASP A 149 26.43 8.34 22.76
N LEU A 150 26.50 9.13 21.69
CA LEU A 150 27.54 8.96 20.70
C LEU A 150 28.89 8.99 21.42
N GLN A 151 29.74 8.00 21.13
CA GLN A 151 31.04 7.95 21.77
C GLN A 151 32.10 7.38 20.84
N VAL A 152 33.34 7.80 21.05
CA VAL A 152 34.44 7.31 20.24
C VAL A 152 34.91 5.99 20.87
N VAL A 153 34.94 4.93 20.07
CA VAL A 153 35.37 3.63 20.60
C VAL A 153 36.69 3.17 20.03
N GLY A 154 37.40 4.05 19.33
CA GLY A 154 38.68 3.65 18.80
C GLY A 154 39.13 4.35 17.55
N THR A 155 40.20 3.83 16.97
CA THR A 155 40.77 4.35 15.74
C THR A 155 40.77 3.25 14.69
N CYS A 156 40.82 3.64 13.42
CA CYS A 156 40.85 2.71 12.30
C CYS A 156 41.61 3.46 11.21
N GLY A 157 41.82 2.83 10.06
CA GLY A 157 42.52 3.50 8.99
C GLY A 157 41.71 4.69 8.49
N LYS A 158 42.41 5.77 8.13
CA LYS A 158 41.73 6.96 7.65
C LYS A 158 40.81 6.68 6.46
N ARG A 159 41.26 5.82 5.56
CA ARG A 159 40.49 5.47 4.37
C ARG A 159 39.37 4.46 4.63
N ASN A 160 39.32 3.96 5.86
CA ASN A 160 38.29 2.99 6.22
C ASN A 160 37.08 3.73 6.76
N THR A 161 36.04 3.84 5.93
CA THR A 161 34.81 4.52 6.33
C THR A 161 33.62 3.59 6.09
N GLY A 162 32.53 3.82 6.81
CA GLY A 162 31.37 2.97 6.60
C GLY A 162 30.44 2.98 7.77
N THR A 163 29.34 2.26 7.63
CA THR A 163 28.33 2.20 8.68
C THR A 163 27.95 0.77 8.98
N SER A 164 27.63 0.53 10.25
CA SER A 164 27.21 -0.78 10.67
C SER A 164 25.97 -0.59 11.52
N VAL A 165 24.91 -1.31 11.20
CA VAL A 165 23.68 -1.23 11.96
C VAL A 165 23.30 -2.64 12.38
N HIS A 166 23.08 -2.83 13.69
CA HIS A 166 22.70 -4.13 14.22
C HIS A 166 21.45 -3.90 15.06
N PHE A 167 20.34 -4.51 14.67
CA PHE A 167 19.10 -4.33 15.41
C PHE A 167 18.39 -5.63 15.79
N TRP A 168 17.69 -5.58 16.91
CA TRP A 168 16.95 -6.71 17.45
C TRP A 168 15.46 -6.36 17.36
N PRO A 169 14.75 -6.90 16.36
CA PRO A 169 13.32 -6.58 16.23
C PRO A 169 12.51 -6.91 17.47
N ASP A 170 11.50 -6.08 17.75
CA ASP A 170 10.62 -6.32 18.89
C ASP A 170 9.50 -7.22 18.37
N GLU A 171 9.52 -8.49 18.75
CA GLU A 171 8.54 -9.47 18.31
C GLU A 171 7.09 -9.05 18.56
N THR A 172 6.90 -8.11 19.47
CA THR A 172 5.57 -7.60 19.79
C THR A 172 4.86 -6.97 18.59
N PHE A 173 5.61 -6.51 17.60
CA PHE A 173 5.00 -5.85 16.44
C PHE A 173 4.81 -6.72 15.19
N PHE A 174 5.32 -7.94 15.20
CA PHE A 174 5.22 -8.80 14.02
C PHE A 174 4.44 -10.10 14.21
N ASP A 175 3.93 -10.64 13.11
CA ASP A 175 3.19 -11.90 13.13
C ASP A 175 4.17 -13.00 13.55
N SER A 176 5.38 -12.88 13.03
CA SER A 176 6.46 -13.80 13.32
C SER A 176 7.73 -12.98 13.51
N PRO A 177 8.54 -13.31 14.53
CA PRO A 177 9.77 -12.55 14.74
C PRO A 177 10.91 -13.11 13.89
N ARG A 178 10.68 -14.26 13.29
CA ARG A 178 11.70 -14.89 12.48
C ARG A 178 11.89 -14.21 11.12
N PHE A 179 13.15 -14.05 10.71
CA PHE A 179 13.46 -13.45 9.41
C PHE A 179 13.29 -14.53 8.35
N SER A 180 12.66 -14.18 7.23
CA SER A 180 12.52 -15.15 6.15
C SER A 180 13.87 -15.21 5.45
N VAL A 181 14.53 -16.35 5.51
CA VAL A 181 15.84 -16.50 4.87
C VAL A 181 15.78 -16.44 3.35
N SER A 182 14.81 -17.13 2.75
CA SER A 182 14.69 -17.13 1.30
C SER A 182 14.41 -15.72 0.76
N ARG A 183 13.59 -14.95 1.49
CA ARG A 183 13.30 -13.59 1.06
C ARG A 183 14.54 -12.72 1.17
N LEU A 184 15.31 -12.94 2.22
CA LEU A 184 16.52 -12.18 2.46
C LEU A 184 17.55 -12.40 1.34
N THR A 185 17.81 -13.66 1.01
CA THR A 185 18.78 -13.99 -0.03
C THR A 185 18.29 -13.54 -1.41
N HIS A 186 16.98 -13.62 -1.63
CA HIS A 186 16.41 -13.18 -2.91
C HIS A 186 16.67 -11.67 -3.06
N VAL A 187 16.36 -10.90 -2.01
CA VAL A 187 16.58 -9.46 -2.05
C VAL A 187 18.04 -9.10 -2.25
N LEU A 188 18.93 -9.77 -1.52
CA LEU A 188 20.36 -9.50 -1.60
C LEU A 188 21.00 -9.83 -2.95
N LYS A 189 20.66 -10.99 -3.51
CA LYS A 189 21.21 -11.38 -4.79
C LYS A 189 20.82 -10.33 -5.83
N ALA A 190 19.58 -9.88 -5.78
CA ALA A 190 19.08 -8.88 -6.71
C ALA A 190 19.90 -7.59 -6.65
N LYS A 191 20.30 -7.18 -5.44
CA LYS A 191 21.11 -5.96 -5.32
C LYS A 191 22.41 -6.14 -6.11
N ALA A 192 23.03 -7.31 -5.96
CA ALA A 192 24.27 -7.58 -6.67
C ALA A 192 24.02 -7.58 -8.18
N VAL A 193 22.87 -8.09 -8.60
CA VAL A 193 22.55 -8.11 -10.02
C VAL A 193 22.33 -6.68 -10.55
N LEU A 194 21.53 -5.91 -9.83
CA LEU A 194 21.19 -4.53 -10.23
C LEU A 194 22.24 -3.43 -10.05
N CYS A 195 23.27 -3.71 -9.25
CA CYS A 195 24.34 -2.72 -9.03
C CYS A 195 25.64 -3.45 -9.34
N PRO A 196 25.96 -3.61 -10.64
CA PRO A 196 27.17 -4.31 -11.08
C PRO A 196 28.46 -3.92 -10.37
N GLY A 197 29.18 -4.94 -9.90
CA GLY A 197 30.44 -4.69 -9.22
C GLY A 197 30.37 -4.68 -7.71
N VAL A 198 29.23 -4.25 -7.15
CA VAL A 198 29.13 -4.22 -5.70
C VAL A 198 29.10 -5.66 -5.18
N GLU A 199 29.84 -5.91 -4.12
CA GLU A 199 29.88 -7.23 -3.53
C GLU A 199 28.87 -7.32 -2.40
N ILE A 200 28.01 -8.34 -2.45
CA ILE A 200 26.98 -8.53 -1.44
C ILE A 200 27.19 -9.87 -0.77
N THR A 201 27.15 -9.90 0.56
CA THR A 201 27.32 -11.14 1.28
C THR A 201 26.23 -11.35 2.33
N PHE A 202 25.92 -12.61 2.61
CA PHE A 202 24.92 -12.94 3.59
C PHE A 202 25.39 -14.13 4.40
N LYS A 203 25.62 -13.89 5.68
CA LYS A 203 26.07 -14.95 6.58
C LYS A 203 24.91 -15.29 7.51
N ASP A 204 24.43 -16.53 7.41
CA ASP A 204 23.32 -17.00 8.23
C ASP A 204 23.91 -17.84 9.37
N GLU A 205 23.84 -17.32 10.59
CA GLU A 205 24.40 -18.04 11.72
C GLU A 205 23.36 -18.90 12.43
N ILE A 206 22.15 -18.94 11.87
CA ILE A 206 21.09 -19.77 12.43
C ILE A 206 21.17 -21.11 11.73
N ASN A 207 21.42 -21.07 10.41
CA ASN A 207 21.50 -22.27 9.60
C ASN A 207 22.93 -22.59 9.17
N ASN A 208 23.87 -21.78 9.64
CA ASN A 208 25.28 -21.97 9.34
C ASN A 208 25.62 -22.04 7.86
N THR A 209 25.37 -20.94 7.15
CA THR A 209 25.69 -20.86 5.74
C THR A 209 26.26 -19.49 5.46
N GLU A 210 26.90 -19.35 4.31
CA GLU A 210 27.45 -18.07 3.92
C GLU A 210 27.52 -18.03 2.41
N GLN A 211 26.94 -16.98 1.84
CA GLN A 211 26.92 -16.80 0.40
C GLN A 211 27.45 -15.44 0.02
N ARG A 212 27.83 -15.31 -1.24
CA ARG A 212 28.37 -14.07 -1.75
C ARG A 212 27.93 -13.90 -3.20
N TRP A 213 27.50 -12.68 -3.54
CA TRP A 213 27.04 -12.39 -4.91
C TRP A 213 27.76 -11.15 -5.45
N CYS A 214 28.20 -11.25 -6.69
CA CYS A 214 28.87 -10.15 -7.37
C CYS A 214 28.81 -10.42 -8.87
N TYR A 215 28.12 -9.56 -9.59
CA TYR A 215 27.94 -9.71 -11.03
C TYR A 215 28.37 -8.47 -11.80
N GLN A 216 29.18 -8.66 -12.83
CA GLN A 216 29.64 -7.53 -13.63
C GLN A 216 28.55 -7.24 -14.67
N ASP A 217 28.01 -8.30 -15.28
CA ASP A 217 26.94 -8.16 -16.26
C ASP A 217 25.73 -8.05 -15.36
N GLY A 218 24.79 -8.99 -15.48
CA GLY A 218 23.65 -8.93 -14.60
C GLY A 218 22.30 -9.38 -15.11
N LEU A 219 21.48 -8.41 -15.52
CA LEU A 219 20.12 -8.67 -15.98
C LEU A 219 19.85 -9.87 -16.85
N ASN A 220 20.44 -9.89 -18.04
CA ASN A 220 20.23 -10.97 -18.97
C ASN A 220 20.37 -12.37 -18.36
N ASP A 221 21.51 -12.65 -17.76
CA ASP A 221 21.75 -13.95 -17.15
C ASP A 221 20.77 -14.24 -16.01
N TYR A 222 20.42 -13.19 -15.26
CA TYR A 222 19.49 -13.33 -14.15
C TYR A 222 18.14 -13.89 -14.64
N LEU A 223 17.62 -13.34 -15.73
CA LEU A 223 16.36 -13.83 -16.27
C LEU A 223 16.55 -15.20 -16.92
N ALA A 224 17.53 -15.30 -17.80
CA ALA A 224 17.82 -16.55 -18.50
C ALA A 224 17.89 -17.73 -17.53
N GLU A 225 18.73 -17.62 -16.51
CA GLU A 225 18.86 -18.69 -15.54
C GLU A 225 17.55 -19.02 -14.83
N ALA A 226 16.73 -18.02 -14.58
CA ALA A 226 15.46 -18.25 -13.89
C ALA A 226 14.50 -19.11 -14.72
N VAL A 227 14.57 -18.99 -16.04
CA VAL A 227 13.68 -19.75 -16.90
C VAL A 227 14.39 -20.90 -17.62
N ASN A 228 15.67 -21.08 -17.33
CA ASN A 228 16.47 -22.14 -17.97
C ASN A 228 15.80 -23.49 -17.88
N GLY A 229 15.73 -24.19 -19.00
CA GLY A 229 15.11 -25.51 -19.02
C GLY A 229 13.65 -25.42 -19.42
N LEU A 230 13.20 -24.22 -19.78
CA LEU A 230 11.82 -24.01 -20.20
C LEU A 230 11.82 -23.44 -21.61
N PRO A 231 10.86 -23.85 -22.44
CA PRO A 231 10.82 -23.33 -23.81
C PRO A 231 10.51 -21.84 -23.74
N THR A 232 11.26 -21.02 -24.50
CA THR A 232 11.01 -19.58 -24.47
C THR A 232 10.95 -19.01 -25.88
N LEU A 233 10.51 -17.78 -25.97
CA LEU A 233 10.39 -17.08 -27.25
C LEU A 233 10.62 -15.60 -26.97
N PRO A 234 11.69 -15.01 -27.52
CA PRO A 234 12.69 -15.67 -28.38
C PRO A 234 13.58 -16.61 -27.56
N GLU A 235 14.55 -17.24 -28.22
CA GLU A 235 15.45 -18.19 -27.56
C GLU A 235 16.20 -17.57 -26.38
N LYS A 236 16.66 -16.33 -26.53
CA LYS A 236 17.34 -15.63 -25.44
C LYS A 236 16.56 -14.34 -25.21
N PRO A 237 16.58 -13.83 -23.98
CA PRO A 237 15.84 -12.60 -23.66
C PRO A 237 16.08 -11.39 -24.52
N PHE A 238 15.00 -10.64 -24.75
CA PHE A 238 15.05 -9.39 -25.50
C PHE A 238 15.49 -8.40 -24.41
N ILE A 239 16.58 -7.69 -24.65
CA ILE A 239 17.09 -6.73 -23.67
C ILE A 239 17.17 -5.34 -24.27
N GLY A 240 17.16 -4.33 -23.39
CA GLY A 240 17.25 -2.97 -23.86
C GLY A 240 17.55 -2.03 -22.71
N ASN A 241 17.90 -0.78 -23.04
CA ASN A 241 18.18 0.19 -22.02
C ASN A 241 18.33 1.59 -22.60
N PHE A 242 18.22 2.57 -21.71
CA PHE A 242 18.40 3.97 -22.04
C PHE A 242 18.78 4.65 -20.74
N ALA A 243 19.73 5.57 -20.80
CA ALA A 243 20.18 6.28 -19.62
C ALA A 243 20.32 7.76 -19.91
N GLY A 244 19.71 8.56 -19.04
CA GLY A 244 19.76 10.00 -19.17
C GLY A 244 20.25 10.54 -17.84
N ASP A 245 20.34 11.86 -17.72
CA ASP A 245 20.83 12.45 -16.47
C ASP A 245 19.90 12.24 -15.27
N THR A 246 18.60 12.33 -15.51
CA THR A 246 17.61 12.20 -14.44
C THR A 246 16.80 10.91 -14.49
N GLU A 247 17.11 10.04 -15.44
CA GLU A 247 16.31 8.82 -15.59
C GLU A 247 17.04 7.77 -16.39
N ALA A 248 16.68 6.53 -16.16
CA ALA A 248 17.27 5.42 -16.89
C ALA A 248 16.34 4.23 -16.79
N VAL A 249 16.42 3.34 -17.77
CA VAL A 249 15.61 2.13 -17.76
C VAL A 249 16.43 1.01 -18.35
N ASP A 250 16.28 -0.18 -17.78
CA ASP A 250 17.02 -1.35 -18.22
C ASP A 250 16.08 -2.55 -18.08
N TRP A 251 16.15 -3.49 -19.02
CA TRP A 251 15.26 -4.65 -18.94
C TRP A 251 15.77 -5.87 -19.70
N ALA A 252 15.18 -7.02 -19.35
CA ALA A 252 15.47 -8.30 -19.98
C ALA A 252 14.11 -8.99 -19.91
N LEU A 253 13.66 -9.53 -21.03
CA LEU A 253 12.37 -10.20 -21.05
C LEU A 253 12.24 -11.17 -22.22
N LEU A 254 11.24 -12.04 -22.12
CA LEU A 254 10.94 -13.04 -23.14
C LEU A 254 9.62 -13.67 -22.75
N TRP A 255 9.10 -14.56 -23.58
CA TRP A 255 7.82 -15.18 -23.30
C TRP A 255 7.89 -16.70 -23.13
N LEU A 256 6.97 -17.23 -22.34
CA LEU A 256 6.87 -18.66 -22.07
C LEU A 256 5.46 -19.11 -22.49
N PRO A 257 5.17 -19.11 -23.80
CA PRO A 257 3.85 -19.52 -24.29
C PRO A 257 3.43 -20.96 -24.01
N GLU A 258 4.40 -21.87 -23.95
CA GLU A 258 4.09 -23.27 -23.69
C GLU A 258 3.90 -23.58 -22.21
N GLY A 259 3.89 -22.54 -21.38
CA GLY A 259 3.72 -22.74 -19.95
C GLY A 259 5.01 -22.57 -19.18
N GLY A 260 4.95 -22.73 -17.86
CA GLY A 260 6.14 -22.58 -17.05
C GLY A 260 6.01 -21.45 -16.04
N GLU A 261 6.88 -21.47 -15.04
CA GLU A 261 6.88 -20.45 -13.99
C GLU A 261 7.46 -19.14 -14.51
N LEU A 262 6.66 -18.07 -14.46
CA LEU A 262 7.12 -16.77 -14.92
C LEU A 262 7.89 -16.01 -13.85
N LEU A 263 8.90 -15.27 -14.29
CA LEU A 263 9.69 -14.43 -13.40
C LEU A 263 9.24 -13.02 -13.78
N THR A 264 8.65 -12.30 -12.83
CA THR A 264 8.17 -10.94 -13.08
C THR A 264 8.60 -10.04 -11.93
N GLU A 265 9.70 -9.34 -12.13
CA GLU A 265 10.26 -8.44 -11.12
C GLU A 265 10.53 -7.05 -11.68
N SER A 266 10.17 -6.04 -10.90
CA SER A 266 10.40 -4.65 -11.29
C SER A 266 11.07 -3.93 -10.12
N TYR A 267 11.92 -2.95 -10.45
CA TYR A 267 12.65 -2.18 -9.46
C TYR A 267 12.75 -0.69 -9.81
N VAL A 268 12.83 0.14 -8.77
CA VAL A 268 13.00 1.58 -8.94
C VAL A 268 14.12 1.95 -7.96
N ASN A 269 15.25 2.42 -8.50
CA ASN A 269 16.43 2.75 -7.72
C ASN A 269 16.78 1.58 -6.79
N LEU A 270 16.64 0.38 -7.36
CA LEU A 270 16.92 -0.89 -6.71
C LEU A 270 15.94 -1.31 -5.61
N ILE A 271 14.85 -0.57 -5.48
CA ILE A 271 13.82 -0.90 -4.50
C ILE A 271 12.89 -1.89 -5.23
N PRO A 272 12.64 -3.07 -4.65
CA PRO A 272 11.74 -4.00 -5.35
C PRO A 272 10.29 -3.56 -5.22
N THR A 273 9.65 -3.26 -6.35
CA THR A 273 8.25 -2.84 -6.33
C THR A 273 7.42 -4.08 -6.63
N MET A 274 7.10 -4.82 -5.58
CA MET A 274 6.33 -6.06 -5.67
C MET A 274 4.95 -5.90 -6.29
N GLN A 275 4.40 -4.69 -6.24
CA GLN A 275 3.09 -4.44 -6.83
C GLN A 275 3.19 -3.63 -8.11
N GLY A 276 4.40 -3.59 -8.68
CA GLY A 276 4.61 -2.87 -9.92
C GLY A 276 4.34 -1.37 -9.84
N GLY A 277 3.59 -0.87 -10.82
CA GLY A 277 3.29 0.54 -10.84
C GLY A 277 3.39 1.16 -12.24
N THR A 278 3.54 2.48 -12.29
CA THR A 278 3.62 3.18 -13.56
C THR A 278 4.73 2.71 -14.49
N HIS A 279 5.89 2.34 -13.94
CA HIS A 279 6.97 1.87 -14.78
C HIS A 279 6.59 0.54 -15.46
N VAL A 280 5.96 -0.36 -14.70
CA VAL A 280 5.53 -1.64 -15.24
C VAL A 280 4.42 -1.42 -16.28
N ASN A 281 3.51 -0.49 -15.99
CA ASN A 281 2.44 -0.20 -16.92
C ASN A 281 3.07 0.28 -18.23
N GLY A 282 4.14 1.06 -18.12
CA GLY A 282 4.82 1.56 -19.29
C GLY A 282 5.42 0.44 -20.12
N LEU A 283 6.09 -0.51 -19.46
CA LEU A 283 6.70 -1.64 -20.15
C LEU A 283 5.63 -2.40 -20.93
N ARG A 284 4.53 -2.69 -20.24
CA ARG A 284 3.41 -3.42 -20.83
C ARG A 284 2.87 -2.69 -22.06
N GLN A 285 2.54 -1.41 -21.90
CA GLN A 285 2.01 -0.61 -23.00
C GLN A 285 2.97 -0.53 -24.18
N GLY A 286 4.26 -0.34 -23.89
CA GLY A 286 5.25 -0.25 -24.94
C GLY A 286 5.32 -1.51 -25.79
N LEU A 287 5.31 -2.67 -25.13
CA LEU A 287 5.36 -3.95 -25.81
C LEU A 287 4.11 -4.13 -26.69
N LEU A 288 2.96 -3.72 -26.17
CA LEU A 288 1.70 -3.82 -26.90
C LEU A 288 1.69 -2.89 -28.12
N ASP A 289 2.12 -1.64 -27.91
CA ASP A 289 2.15 -0.69 -29.02
C ASP A 289 3.03 -1.16 -30.16
N ALA A 290 4.19 -1.71 -29.83
CA ALA A 290 5.13 -2.18 -30.85
C ALA A 290 4.62 -3.41 -31.60
N MET A 291 4.00 -4.34 -30.88
CA MET A 291 3.49 -5.55 -31.50
C MET A 291 2.34 -5.21 -32.42
N ARG A 292 1.50 -4.27 -32.00
CA ARG A 292 0.37 -3.84 -32.80
C ARG A 292 0.89 -3.24 -34.09
N GLU A 293 1.95 -2.45 -34.00
CA GLU A 293 2.50 -1.82 -35.20
C GLU A 293 3.05 -2.87 -36.16
N PHE A 294 3.79 -3.83 -35.61
CA PHE A 294 4.35 -4.89 -36.43
C PHE A 294 3.24 -5.65 -37.15
N CYS A 295 2.24 -6.10 -36.40
CA CYS A 295 1.13 -6.84 -36.98
C CYS A 295 0.33 -6.05 -38.00
N GLU A 296 0.05 -4.78 -37.70
CA GLU A 296 -0.71 -3.94 -38.61
C GLU A 296 0.03 -3.64 -39.91
N TYR A 297 1.33 -3.44 -39.82
CA TYR A 297 2.14 -3.12 -40.99
C TYR A 297 2.37 -4.33 -41.89
N ARG A 298 2.58 -5.49 -41.28
CA ARG A 298 2.80 -6.73 -42.02
C ARG A 298 1.44 -7.26 -42.49
N ASN A 299 0.37 -6.62 -42.03
CA ASN A 299 -0.99 -7.02 -42.36
C ASN A 299 -1.29 -8.47 -41.99
N ILE A 300 -0.76 -8.94 -40.87
CA ILE A 300 -0.99 -10.31 -40.44
C ILE A 300 -2.05 -10.39 -39.34
N LEU A 301 -2.75 -9.28 -39.13
CA LEU A 301 -3.79 -9.22 -38.12
C LEU A 301 -5.13 -9.55 -38.79
N PRO A 302 -5.74 -10.70 -38.42
CA PRO A 302 -7.02 -11.11 -39.01
C PRO A 302 -8.11 -10.06 -38.80
N ARG A 303 -9.03 -9.97 -39.77
CA ARG A 303 -10.13 -9.03 -39.69
C ARG A 303 -10.98 -9.33 -38.45
N GLY A 304 -11.25 -8.29 -37.66
CA GLY A 304 -12.04 -8.49 -36.46
C GLY A 304 -11.23 -8.85 -35.23
N VAL A 305 -9.92 -9.02 -35.41
CA VAL A 305 -9.03 -9.35 -34.31
C VAL A 305 -8.23 -8.13 -33.85
N LYS A 306 -8.39 -7.79 -32.58
CA LYS A 306 -7.68 -6.65 -31.98
C LYS A 306 -6.84 -7.14 -30.80
N LEU A 307 -5.56 -6.80 -30.79
CA LEU A 307 -4.68 -7.21 -29.70
C LEU A 307 -4.97 -6.38 -28.45
N SER A 308 -4.87 -7.02 -27.29
CA SER A 308 -5.08 -6.33 -26.02
C SER A 308 -3.81 -6.56 -25.21
N ALA A 309 -3.63 -5.79 -24.14
CA ALA A 309 -2.43 -5.93 -23.31
C ALA A 309 -2.16 -7.37 -22.90
N GLU A 310 -3.21 -8.08 -22.48
CA GLU A 310 -3.11 -9.47 -22.05
C GLU A 310 -2.41 -10.38 -23.08
N ASP A 311 -2.68 -10.15 -24.35
CA ASP A 311 -2.11 -10.97 -25.40
C ASP A 311 -0.58 -10.99 -25.45
N ILE A 312 0.08 -9.93 -24.98
CA ILE A 312 1.55 -9.92 -24.97
C ILE A 312 2.09 -9.91 -23.55
N TRP A 313 1.19 -9.80 -22.57
CA TRP A 313 1.61 -9.74 -21.17
C TRP A 313 1.42 -11.02 -20.35
N ASP A 314 0.35 -11.76 -20.63
CA ASP A 314 0.05 -13.00 -19.90
C ASP A 314 1.20 -13.97 -19.66
N ARG A 315 2.01 -14.19 -20.67
CA ARG A 315 3.13 -15.12 -20.56
C ARG A 315 4.48 -14.44 -20.66
N CYS A 316 4.54 -13.17 -20.28
CA CYS A 316 5.77 -12.42 -20.34
C CYS A 316 6.55 -12.48 -19.03
N ALA A 317 7.77 -13.00 -19.08
CA ALA A 317 8.65 -13.07 -17.92
C ALA A 317 9.61 -11.90 -18.12
N TYR A 318 9.85 -11.12 -17.07
CA TYR A 318 10.72 -9.96 -17.23
C TYR A 318 11.35 -9.45 -15.94
N VAL A 319 12.43 -8.72 -16.10
CA VAL A 319 13.10 -8.06 -14.98
C VAL A 319 13.24 -6.62 -15.49
N LEU A 320 12.64 -5.68 -14.77
CA LEU A 320 12.66 -4.27 -15.14
C LEU A 320 13.35 -3.42 -14.07
N SER A 321 14.39 -2.69 -14.46
CA SER A 321 15.10 -1.85 -13.50
C SER A 321 15.13 -0.41 -13.98
N VAL A 322 14.44 0.46 -13.23
CA VAL A 322 14.37 1.89 -13.55
C VAL A 322 15.12 2.76 -12.54
N LYS A 323 15.68 3.86 -13.02
CA LYS A 323 16.38 4.83 -12.17
C LYS A 323 15.64 6.15 -12.35
N MET A 324 15.37 6.84 -11.25
CA MET A 324 14.66 8.13 -11.28
C MET A 324 15.29 9.06 -10.25
N GLN A 325 15.47 10.31 -10.63
CA GLN A 325 16.06 11.27 -9.71
C GLN A 325 15.08 11.58 -8.58
N ASP A 326 13.78 11.51 -8.86
CA ASP A 326 12.78 11.81 -7.83
C ASP A 326 11.53 10.93 -7.94
N PRO A 327 11.63 9.66 -7.54
CA PRO A 327 10.47 8.75 -7.62
C PRO A 327 9.37 9.08 -6.60
N GLN A 328 8.20 8.48 -6.82
CA GLN A 328 7.06 8.66 -5.93
C GLN A 328 6.46 7.28 -5.67
N PHE A 329 6.53 6.81 -4.43
CA PHE A 329 5.99 5.51 -4.07
C PHE A 329 4.67 5.67 -3.34
N ALA A 330 3.82 4.65 -3.40
CA ALA A 330 2.50 4.69 -2.77
C ALA A 330 2.50 4.44 -1.26
N GLY A 331 3.65 4.08 -0.70
CA GLY A 331 3.71 3.83 0.74
C GLY A 331 5.15 3.65 1.20
N GLN A 332 5.38 3.63 2.52
CA GLN A 332 6.73 3.47 3.05
C GLN A 332 7.35 2.14 2.62
N THR A 333 6.51 1.12 2.42
CA THR A 333 6.97 -0.19 1.99
C THR A 333 7.41 -0.17 0.52
N LYS A 334 6.99 0.85 -0.19
CA LYS A 334 7.38 1.04 -1.60
C LYS A 334 7.08 -0.13 -2.53
N GLU A 335 5.89 -0.71 -2.39
CA GLU A 335 5.50 -1.83 -3.22
C GLU A 335 5.05 -1.36 -4.60
N ARG A 336 4.68 -0.10 -4.71
CA ARG A 336 4.19 0.43 -5.98
C ARG A 336 4.70 1.82 -6.31
N LEU A 337 5.13 2.00 -7.56
CA LEU A 337 5.58 3.31 -8.01
C LEU A 337 4.33 4.01 -8.56
N SER A 338 4.05 5.22 -8.07
CA SER A 338 2.88 5.96 -8.53
C SER A 338 3.28 7.22 -9.33
N SER A 339 4.55 7.34 -9.65
CA SER A 339 5.07 8.46 -10.43
C SER A 339 4.42 8.47 -11.83
N ARG A 340 3.47 9.37 -12.04
CA ARG A 340 2.73 9.44 -13.31
C ARG A 340 3.52 9.42 -14.63
N GLN A 341 4.52 10.28 -14.74
CA GLN A 341 5.29 10.35 -15.98
C GLN A 341 6.20 9.18 -16.32
N CYS A 342 6.47 8.30 -15.37
CA CYS A 342 7.34 7.18 -15.66
C CYS A 342 6.72 6.18 -16.64
N ALA A 343 5.39 6.16 -16.74
CA ALA A 343 4.73 5.23 -17.66
C ALA A 343 5.10 5.59 -19.09
N ALA A 344 4.91 6.86 -19.43
CA ALA A 344 5.24 7.35 -20.77
C ALA A 344 6.72 7.18 -21.07
N PHE A 345 7.57 7.45 -20.08
CA PHE A 345 9.01 7.29 -20.26
C PHE A 345 9.35 5.86 -20.68
N VAL A 346 9.01 4.90 -19.84
CA VAL A 346 9.30 3.49 -20.13
C VAL A 346 8.62 3.02 -21.41
N SER A 347 7.36 3.41 -21.59
CA SER A 347 6.58 3.01 -22.76
C SER A 347 7.29 3.43 -24.05
N GLY A 348 7.72 4.69 -24.10
CA GLY A 348 8.40 5.18 -25.28
C GLY A 348 9.67 4.42 -25.61
N VAL A 349 10.53 4.26 -24.61
CA VAL A 349 11.79 3.55 -24.83
C VAL A 349 11.56 2.10 -25.25
N VAL A 350 10.65 1.42 -24.56
CA VAL A 350 10.36 0.03 -24.86
C VAL A 350 9.73 -0.16 -26.24
N LYS A 351 8.71 0.64 -26.57
CA LYS A 351 8.09 0.51 -27.88
C LYS A 351 9.11 0.69 -29.00
N ASP A 352 9.91 1.76 -28.90
CA ASP A 352 10.91 2.02 -29.92
C ASP A 352 11.92 0.89 -30.07
N ALA A 353 12.40 0.38 -28.95
CA ALA A 353 13.38 -0.69 -28.99
C ALA A 353 12.77 -1.99 -29.52
N PHE A 354 11.55 -2.29 -29.09
CA PHE A 354 10.89 -3.52 -29.51
C PHE A 354 10.48 -3.54 -30.99
N ILE A 355 9.98 -2.43 -31.50
CA ILE A 355 9.60 -2.41 -32.92
C ILE A 355 10.86 -2.55 -33.78
N LEU A 356 11.94 -1.90 -33.39
CA LEU A 356 13.18 -1.98 -34.16
C LEU A 356 13.71 -3.42 -34.10
N TRP A 357 13.69 -4.03 -32.92
CA TRP A 357 14.17 -5.40 -32.75
C TRP A 357 13.31 -6.35 -33.60
N LEU A 358 12.01 -6.15 -33.55
CA LEU A 358 11.05 -6.95 -34.30
C LEU A 358 11.37 -6.90 -35.80
N ASN A 359 11.55 -5.68 -36.30
CA ASN A 359 11.85 -5.48 -37.72
C ASN A 359 13.15 -6.12 -38.18
N GLN A 360 14.13 -6.28 -37.28
CA GLN A 360 15.39 -6.88 -37.66
C GLN A 360 15.49 -8.36 -37.25
N ASN A 361 14.41 -8.91 -36.72
CA ASN A 361 14.38 -10.31 -36.33
C ASN A 361 13.01 -10.87 -36.74
N VAL A 362 12.73 -10.70 -38.03
CA VAL A 362 11.47 -11.13 -38.63
C VAL A 362 10.97 -12.52 -38.26
N GLN A 363 11.86 -13.52 -38.31
CA GLN A 363 11.48 -14.88 -37.99
C GLN A 363 10.91 -15.00 -36.57
N ALA A 364 11.70 -14.59 -35.59
CA ALA A 364 11.28 -14.65 -34.19
C ALA A 364 10.08 -13.72 -33.97
N ALA A 365 10.04 -12.62 -34.71
CA ALA A 365 8.95 -11.66 -34.59
C ALA A 365 7.61 -12.27 -35.01
N GLU A 366 7.61 -12.95 -36.15
CA GLU A 366 6.39 -13.57 -36.63
C GLU A 366 5.86 -14.63 -35.67
N LEU A 367 6.77 -15.33 -35.00
CA LEU A 367 6.38 -16.34 -34.02
C LEU A 367 5.69 -15.63 -32.86
N LEU A 368 6.28 -14.53 -32.41
CA LEU A 368 5.70 -13.75 -31.31
C LEU A 368 4.34 -13.22 -31.74
N ALA A 369 4.27 -12.69 -32.96
CA ALA A 369 3.02 -12.17 -33.48
C ALA A 369 1.95 -13.28 -33.46
N GLU A 370 2.32 -14.47 -33.91
CA GLU A 370 1.39 -15.59 -33.92
C GLU A 370 0.92 -15.89 -32.50
N MET A 371 1.85 -15.77 -31.55
CA MET A 371 1.54 -16.02 -30.15
C MET A 371 0.51 -15.03 -29.63
N ALA A 372 0.67 -13.77 -30.01
CA ALA A 372 -0.26 -12.73 -29.56
C ALA A 372 -1.62 -12.85 -30.24
N ILE A 373 -1.62 -13.09 -31.54
CA ILE A 373 -2.86 -13.20 -32.28
C ILE A 373 -3.69 -14.42 -31.85
N SER A 374 -3.04 -15.57 -31.71
CA SER A 374 -3.76 -16.76 -31.30
C SER A 374 -4.33 -16.57 -29.91
N SER A 375 -3.65 -15.76 -29.10
CA SER A 375 -4.12 -15.46 -27.76
C SER A 375 -5.39 -14.61 -27.83
N ALA A 376 -5.42 -13.69 -28.78
CA ALA A 376 -6.58 -12.82 -28.96
C ALA A 376 -7.80 -13.60 -29.44
N GLN A 377 -7.56 -14.57 -30.32
CA GLN A 377 -8.66 -15.38 -30.85
C GLN A 377 -9.17 -16.33 -29.78
N ARG A 378 -8.26 -16.84 -28.96
CA ARG A 378 -8.59 -17.73 -27.87
C ARG A 378 -9.50 -16.94 -26.93
N ARG A 379 -9.06 -15.73 -26.60
CA ARG A 379 -9.82 -14.85 -25.72
C ARG A 379 -11.18 -14.47 -26.29
N MET A 380 -11.24 -14.31 -27.62
CA MET A 380 -12.49 -13.96 -28.28
C MET A 380 -13.47 -15.13 -28.26
N ARG A 381 -13.00 -16.32 -28.60
CA ARG A 381 -13.85 -17.50 -28.59
C ARG A 381 -14.37 -17.71 -27.19
N ALA A 382 -13.54 -17.40 -26.19
CA ALA A 382 -13.92 -17.56 -24.80
C ALA A 382 -15.11 -16.67 -24.43
N ALA A 383 -15.06 -15.41 -24.85
CA ALA A 383 -16.14 -14.48 -24.55
C ALA A 383 -17.33 -14.72 -25.50
N THR B 4 31.04 17.19 -0.01
CA THR B 4 31.02 16.79 1.43
C THR B 4 29.70 16.14 1.79
N TYR B 5 29.73 15.32 2.83
CA TYR B 5 28.53 14.63 3.31
C TYR B 5 28.59 14.67 4.83
N ASN B 6 28.24 15.83 5.38
CA ASN B 6 28.26 16.01 6.82
C ASN B 6 26.86 16.19 7.39
N ALA B 7 26.79 16.58 8.66
CA ALA B 7 25.51 16.75 9.33
C ALA B 7 24.56 17.66 8.55
N ASP B 8 25.10 18.70 7.93
CA ASP B 8 24.29 19.64 7.18
C ASP B 8 23.57 19.01 6.00
N ALA B 9 23.96 17.78 5.64
CA ALA B 9 23.32 17.09 4.52
C ALA B 9 21.96 16.51 4.95
N ILE B 10 21.74 16.43 6.25
CA ILE B 10 20.48 15.90 6.76
C ILE B 10 19.45 17.01 6.93
N GLU B 11 18.32 16.86 6.26
CA GLU B 11 17.24 17.84 6.34
C GLU B 11 16.09 17.28 7.15
N VAL B 12 15.54 18.11 8.03
CA VAL B 12 14.43 17.70 8.87
C VAL B 12 13.17 18.43 8.39
N LEU B 13 12.17 17.67 7.93
CA LEU B 13 10.91 18.27 7.48
C LEU B 13 9.97 18.32 8.67
N THR B 14 9.25 19.44 8.82
CA THR B 14 8.32 19.60 9.94
C THR B 14 6.91 20.01 9.51
N GLY B 15 5.97 19.92 10.44
CA GLY B 15 4.60 20.29 10.15
C GLY B 15 4.02 19.47 9.01
N LEU B 16 3.60 20.14 7.95
CA LEU B 16 3.00 19.49 6.79
C LEU B 16 3.97 19.31 5.63
N GLU B 17 5.21 19.76 5.79
CA GLU B 17 6.21 19.64 4.72
C GLU B 17 6.38 18.20 4.20
N PRO B 18 6.38 17.19 5.10
CA PRO B 18 6.55 15.84 4.57
C PRO B 18 5.47 15.41 3.58
N VAL B 19 4.25 15.87 3.77
CA VAL B 19 3.16 15.51 2.87
C VAL B 19 3.35 16.22 1.52
N ARG B 20 3.63 17.50 1.56
CA ARG B 20 3.82 18.25 0.32
C ARG B 20 5.05 17.79 -0.44
N ARG B 21 6.05 17.27 0.26
CA ARG B 21 7.27 16.78 -0.37
C ARG B 21 7.09 15.36 -0.91
N ARG B 22 6.43 14.51 -0.13
CA ARG B 22 6.20 13.12 -0.52
C ARG B 22 4.70 12.77 -0.45
N PRO B 23 3.89 13.39 -1.32
CA PRO B 23 2.45 13.16 -1.35
C PRO B 23 2.08 11.71 -1.63
N GLY B 24 2.94 11.03 -2.40
CA GLY B 24 2.67 9.64 -2.75
C GLY B 24 2.40 8.70 -1.58
N MET B 25 3.07 8.91 -0.45
CA MET B 25 2.82 8.00 0.65
C MET B 25 1.69 8.42 1.57
N TYR B 26 1.08 9.57 1.29
CA TYR B 26 -0.02 10.05 2.12
C TYR B 26 -1.39 9.98 1.47
N THR B 27 -1.44 9.83 0.15
CA THR B 27 -2.74 9.76 -0.53
C THR B 27 -2.62 9.10 -1.90
N ASP B 28 -3.76 8.99 -2.58
CA ASP B 28 -3.82 8.44 -3.94
C ASP B 28 -3.67 9.68 -4.81
N THR B 29 -2.55 9.80 -5.50
CA THR B 29 -2.27 10.97 -6.34
C THR B 29 -2.90 10.91 -7.74
N THR B 30 -3.70 9.89 -8.00
CA THR B 30 -4.36 9.74 -9.29
C THR B 30 -5.36 10.86 -9.48
N ARG B 31 -6.17 11.08 -8.44
CA ARG B 31 -7.20 12.11 -8.44
C ARG B 31 -7.45 12.44 -6.96
N PRO B 32 -8.08 13.59 -6.66
CA PRO B 32 -8.34 13.97 -5.28
C PRO B 32 -9.45 13.26 -4.51
N ASN B 33 -10.06 12.24 -5.12
CA ASN B 33 -11.12 11.51 -4.45
C ASN B 33 -10.74 11.03 -3.05
N HIS B 34 -9.54 10.50 -2.89
CA HIS B 34 -9.17 10.03 -1.56
C HIS B 34 -9.13 11.13 -0.51
N LEU B 35 -8.76 12.34 -0.93
CA LEU B 35 -8.75 13.48 -0.02
C LEU B 35 -10.18 13.63 0.51
N GLY B 36 -11.14 13.48 -0.39
CA GLY B 36 -12.53 13.58 0.00
C GLY B 36 -12.95 12.48 0.96
N GLN B 37 -12.54 11.25 0.65
CA GLN B 37 -12.87 10.11 1.50
C GLN B 37 -12.32 10.32 2.91
N GLU B 38 -11.18 11.01 2.99
CA GLU B 38 -10.55 11.29 4.26
C GLU B 38 -11.52 12.11 5.12
N VAL B 39 -12.11 13.14 4.50
CA VAL B 39 -13.06 14.02 5.18
C VAL B 39 -14.38 13.29 5.45
N ILE B 40 -14.84 12.52 4.47
CA ILE B 40 -16.08 11.76 4.59
C ILE B 40 -15.96 10.73 5.71
N ASP B 41 -14.80 10.06 5.80
CA ASP B 41 -14.58 9.05 6.83
C ASP B 41 -14.71 9.66 8.23
N ASN B 42 -14.18 10.86 8.41
CA ASN B 42 -14.27 11.51 9.73
C ASN B 42 -15.72 11.82 10.11
N SER B 43 -16.52 12.24 9.14
CA SER B 43 -17.92 12.54 9.42
C SER B 43 -18.65 11.23 9.70
N VAL B 44 -18.36 10.20 8.91
CA VAL B 44 -18.98 8.90 9.12
C VAL B 44 -18.64 8.38 10.51
N ASP B 45 -17.42 8.63 10.96
CA ASP B 45 -17.03 8.19 12.29
C ASP B 45 -17.93 8.80 13.37
N GLU B 46 -18.35 10.05 13.18
CA GLU B 46 -19.24 10.71 14.13
C GLU B 46 -20.61 10.02 14.10
N ALA B 47 -20.97 9.53 12.91
CA ALA B 47 -22.24 8.85 12.73
C ALA B 47 -22.18 7.46 13.35
N LEU B 48 -21.05 6.77 13.19
CA LEU B 48 -20.92 5.44 13.77
C LEU B 48 -20.92 5.52 15.29
N ALA B 49 -20.43 6.63 15.82
CA ALA B 49 -20.40 6.81 17.27
C ALA B 49 -21.76 7.26 17.78
N GLY B 50 -22.69 7.49 16.85
CA GLY B 50 -24.03 7.90 17.21
C GLY B 50 -24.25 9.38 17.47
N HIS B 51 -23.41 10.23 16.88
CA HIS B 51 -23.54 11.67 17.08
C HIS B 51 -24.05 12.41 15.86
N ALA B 52 -23.71 11.92 14.67
CA ALA B 52 -24.17 12.57 13.45
C ALA B 52 -25.30 11.74 12.86
N LYS B 53 -26.31 12.42 12.31
CA LYS B 53 -27.44 11.73 11.70
C LYS B 53 -27.37 11.88 10.19
N ARG B 54 -26.53 12.80 9.72
CA ARG B 54 -26.38 13.03 8.30
C ARG B 54 -25.02 13.55 7.87
N VAL B 55 -24.64 13.20 6.66
CA VAL B 55 -23.39 13.64 6.07
C VAL B 55 -23.75 14.13 4.67
N ASP B 56 -23.49 15.39 4.40
CA ASP B 56 -23.80 15.98 3.11
C ASP B 56 -22.51 16.30 2.37
N VAL B 57 -22.46 15.95 1.09
CA VAL B 57 -21.29 16.19 0.27
C VAL B 57 -21.67 17.00 -0.96
N ILE B 58 -20.89 18.03 -1.25
CA ILE B 58 -21.15 18.86 -2.42
C ILE B 58 -19.92 18.99 -3.31
N LEU B 59 -20.04 18.59 -4.57
CA LEU B 59 -18.96 18.74 -5.53
C LEU B 59 -19.29 20.05 -6.24
N HIS B 60 -18.53 21.11 -5.93
CA HIS B 60 -18.76 22.41 -6.53
C HIS B 60 -18.27 22.51 -7.97
N ALA B 61 -18.80 23.48 -8.69
CA ALA B 61 -18.46 23.69 -10.10
C ALA B 61 -16.97 23.92 -10.34
N ASP B 62 -16.28 24.48 -9.35
CA ASP B 62 -14.85 24.73 -9.47
C ASP B 62 -14.00 23.52 -9.03
N GLN B 63 -14.59 22.34 -9.03
CA GLN B 63 -13.90 21.12 -8.63
C GLN B 63 -13.43 21.10 -7.18
N SER B 64 -14.09 21.85 -6.31
CA SER B 64 -13.74 21.84 -4.89
C SER B 64 -14.76 20.91 -4.23
N LEU B 65 -14.47 20.42 -3.04
CA LEU B 65 -15.42 19.51 -2.37
C LEU B 65 -15.77 20.03 -0.99
N GLU B 66 -17.02 19.83 -0.59
CA GLU B 66 -17.49 20.27 0.70
C GLU B 66 -18.17 19.08 1.40
N VAL B 67 -17.81 18.85 2.66
CA VAL B 67 -18.38 17.75 3.42
C VAL B 67 -18.93 18.32 4.72
N ILE B 68 -20.21 18.09 4.96
CA ILE B 68 -20.87 18.60 6.15
C ILE B 68 -21.53 17.49 6.94
N ASP B 69 -21.40 17.53 8.25
CA ASP B 69 -22.03 16.53 9.10
C ASP B 69 -22.61 17.27 10.29
N ASP B 70 -23.52 16.62 11.02
CA ASP B 70 -24.11 17.27 12.18
C ASP B 70 -23.67 16.51 13.44
N GLY B 71 -22.38 16.21 13.50
CA GLY B 71 -21.84 15.50 14.65
C GLY B 71 -21.51 16.46 15.78
N ARG B 72 -20.60 16.05 16.66
CA ARG B 72 -20.20 16.87 17.81
C ARG B 72 -19.34 18.07 17.42
N GLY B 73 -18.82 18.06 16.19
CA GLY B 73 -17.99 19.15 15.73
C GLY B 73 -16.55 19.00 16.21
N MET B 74 -15.60 19.45 15.41
CA MET B 74 -14.19 19.40 15.79
C MET B 74 -13.99 20.36 16.96
N PRO B 75 -13.37 19.88 18.06
CA PRO B 75 -13.15 20.75 19.22
C PRO B 75 -12.42 22.02 18.79
N VAL B 76 -12.85 23.17 19.29
CA VAL B 76 -12.21 24.43 18.91
C VAL B 76 -11.58 25.15 20.12
N ASP B 77 -11.77 24.61 21.32
CA ASP B 77 -11.20 25.21 22.52
C ASP B 77 -9.69 25.00 22.58
N ILE B 78 -9.03 25.76 23.45
CA ILE B 78 -7.58 25.67 23.58
C ILE B 78 -7.08 24.35 24.15
N HIS B 79 -6.14 23.74 23.44
CA HIS B 79 -5.56 22.48 23.88
C HIS B 79 -4.68 22.76 25.10
N PRO B 80 -4.94 22.09 26.22
CA PRO B 80 -4.18 22.26 27.47
C PRO B 80 -2.65 22.21 27.35
N GLU B 81 -2.13 21.35 26.49
CA GLU B 81 -0.67 21.24 26.34
C GLU B 81 -0.10 22.07 25.20
N GLU B 82 -0.72 22.00 24.02
CA GLU B 82 -0.24 22.74 22.85
C GLU B 82 -0.58 24.24 22.84
N GLY B 83 -1.53 24.64 23.67
CA GLY B 83 -1.90 26.05 23.75
C GLY B 83 -2.55 26.73 22.56
N VAL B 84 -3.13 25.96 21.65
CA VAL B 84 -3.81 26.54 20.49
C VAL B 84 -5.14 25.83 20.34
N PRO B 85 -6.08 26.41 19.58
CA PRO B 85 -7.36 25.71 19.44
C PRO B 85 -7.14 24.33 18.80
N ALA B 86 -7.77 23.31 19.38
CA ALA B 86 -7.64 21.94 18.89
C ALA B 86 -7.79 21.79 17.38
N VAL B 87 -8.75 22.51 16.80
CA VAL B 87 -8.99 22.45 15.37
C VAL B 87 -7.70 22.72 14.58
N GLU B 88 -6.83 23.56 15.14
CA GLU B 88 -5.57 23.87 14.47
C GLU B 88 -4.61 22.68 14.52
N LEU B 89 -4.60 21.99 15.66
CA LEU B 89 -3.75 20.81 15.83
C LEU B 89 -4.19 19.74 14.84
N ILE B 90 -5.50 19.61 14.72
CA ILE B 90 -6.12 18.65 13.83
C ILE B 90 -5.77 18.86 12.36
N LEU B 91 -5.84 20.10 11.91
CA LEU B 91 -5.54 20.40 10.50
C LEU B 91 -4.09 20.65 10.12
N CYS B 92 -3.24 20.96 11.09
CA CYS B 92 -1.86 21.25 10.74
C CYS B 92 -0.79 20.28 11.25
N ARG B 93 -1.18 19.30 12.06
CA ARG B 93 -0.20 18.35 12.56
C ARG B 93 -0.47 16.88 12.29
N LEU B 94 0.51 16.22 11.69
CA LEU B 94 0.42 14.80 11.37
C LEU B 94 0.43 14.03 12.68
N HIS B 95 -0.27 12.90 12.72
CA HIS B 95 -0.32 12.08 13.92
C HIS B 95 -0.85 12.84 15.13
N ALA B 96 -1.93 13.58 14.91
CA ALA B 96 -2.60 14.32 15.96
C ALA B 96 -4.08 14.09 15.72
N GLY B 97 -4.74 13.43 16.66
CA GLY B 97 -6.15 13.13 16.51
C GLY B 97 -6.77 12.50 17.75
N GLY B 98 -8.05 12.19 17.67
CA GLY B 98 -8.74 11.61 18.81
C GLY B 98 -9.07 10.14 18.68
N LYS B 99 -8.38 9.44 17.80
CA LYS B 99 -8.67 8.03 17.61
C LYS B 99 -7.48 7.11 17.90
N PHE B 100 -6.59 7.56 18.78
CA PHE B 100 -5.44 6.77 19.17
C PHE B 100 -5.81 5.88 20.35
N SER B 101 -7.03 6.07 20.84
CA SER B 101 -7.55 5.28 21.94
C SER B 101 -9.02 5.04 21.60
N ASN B 102 -9.78 4.49 22.54
CA ASN B 102 -11.20 4.22 22.29
C ASN B 102 -12.06 5.16 23.13
N LYS B 103 -11.47 6.24 23.61
CA LYS B 103 -12.19 7.18 24.45
C LYS B 103 -13.22 8.06 23.74
N ASN B 104 -12.96 8.38 22.48
CA ASN B 104 -13.88 9.24 21.73
C ASN B 104 -14.72 8.51 20.67
N TYR B 105 -14.22 7.39 20.18
CA TYR B 105 -14.93 6.59 19.17
C TYR B 105 -14.70 5.10 19.41
N GLN B 106 -15.80 4.36 19.51
CA GLN B 106 -15.73 2.91 19.71
C GLN B 106 -15.12 2.27 18.46
N PHE B 107 -15.80 2.46 17.34
CA PHE B 107 -15.35 1.92 16.05
C PHE B 107 -15.22 3.07 15.05
N SER B 108 -14.00 3.38 14.66
CA SER B 108 -13.79 4.47 13.72
C SER B 108 -12.88 4.05 12.58
N GLY B 109 -13.16 4.58 11.40
CA GLY B 109 -12.31 4.27 10.27
C GLY B 109 -10.99 4.96 10.47
N GLY B 110 -11.01 6.12 11.13
CA GLY B 110 -9.79 6.86 11.38
C GLY B 110 -8.96 6.23 12.49
N LEU B 111 -7.64 6.45 12.45
CA LEU B 111 -6.75 5.90 13.47
C LEU B 111 -5.33 6.49 13.42
N HIS B 112 -4.98 7.15 12.32
CA HIS B 112 -3.64 7.71 12.16
C HIS B 112 -3.41 9.15 12.64
N GLY B 113 -4.45 9.96 12.66
CA GLY B 113 -4.31 11.35 13.05
C GLY B 113 -3.61 12.08 11.92
N VAL B 114 -3.82 11.58 10.71
CA VAL B 114 -3.18 12.12 9.51
C VAL B 114 -4.12 12.66 8.43
N GLY B 115 -5.24 11.96 8.24
CA GLY B 115 -6.21 12.31 7.22
C GLY B 115 -6.52 13.76 6.86
N ILE B 116 -7.20 14.47 7.75
CA ILE B 116 -7.57 15.84 7.48
C ILE B 116 -6.36 16.76 7.29
N SER B 117 -5.26 16.47 8.00
CA SER B 117 -4.06 17.30 7.84
C SER B 117 -3.47 17.11 6.45
N VAL B 118 -3.63 15.91 5.88
CA VAL B 118 -3.13 15.66 4.53
C VAL B 118 -3.97 16.45 3.53
N VAL B 119 -5.28 16.51 3.75
CA VAL B 119 -6.18 17.27 2.87
C VAL B 119 -5.75 18.75 2.88
N ASN B 120 -5.40 19.24 4.06
CA ASN B 120 -4.96 20.63 4.22
C ASN B 120 -3.63 20.86 3.47
N ALA B 121 -2.68 19.95 3.66
CA ALA B 121 -1.38 20.05 3.02
C ALA B 121 -1.41 20.01 1.50
N LEU B 122 -2.38 19.31 0.93
CA LEU B 122 -2.48 19.18 -0.51
C LEU B 122 -3.53 20.07 -1.16
N SER B 123 -4.07 21.01 -0.41
CA SER B 123 -5.10 21.92 -0.92
C SER B 123 -4.65 23.37 -1.01
N LYS B 124 -5.07 24.06 -2.07
CA LYS B 124 -4.73 25.46 -2.25
C LYS B 124 -5.45 26.26 -1.17
N ARG B 125 -6.58 25.73 -0.72
CA ARG B 125 -7.37 26.38 0.32
C ARG B 125 -8.28 25.41 1.02
N VAL B 126 -8.49 25.66 2.30
CA VAL B 126 -9.37 24.84 3.12
C VAL B 126 -10.11 25.76 4.07
N GLU B 127 -11.42 25.59 4.13
CA GLU B 127 -12.26 26.37 5.03
C GLU B 127 -12.98 25.40 5.93
N VAL B 128 -12.89 25.63 7.23
CA VAL B 128 -13.53 24.79 8.22
C VAL B 128 -14.47 25.62 9.06
N ASN B 129 -15.69 25.12 9.24
CA ASN B 129 -16.69 25.80 10.04
C ASN B 129 -17.19 24.77 11.03
N VAL B 130 -17.25 25.18 12.30
CA VAL B 130 -17.68 24.30 13.36
C VAL B 130 -18.81 24.91 14.18
N ARG B 131 -19.80 24.09 14.53
CA ARG B 131 -20.91 24.53 15.35
C ARG B 131 -20.80 23.91 16.72
N ARG B 132 -20.51 24.74 17.72
CA ARG B 132 -20.40 24.29 19.11
C ARG B 132 -20.80 25.47 19.99
N ASP B 133 -21.34 25.17 21.17
CA ASP B 133 -21.72 26.21 22.11
C ASP B 133 -22.67 27.25 21.52
N GLY B 134 -23.49 26.83 20.55
CA GLY B 134 -24.43 27.77 19.95
C GLY B 134 -23.79 28.83 19.08
N GLN B 135 -22.54 28.62 18.70
CA GLN B 135 -21.85 29.57 17.85
C GLN B 135 -21.26 28.87 16.65
N VAL B 136 -20.99 29.63 15.60
CA VAL B 136 -20.41 29.08 14.38
C VAL B 136 -19.00 29.64 14.26
N TYR B 137 -18.01 28.77 14.34
CA TYR B 137 -16.61 29.18 14.23
C TYR B 137 -16.09 28.91 12.84
N ASN B 138 -15.17 29.75 12.39
CA ASN B 138 -14.55 29.61 11.07
C ASN B 138 -13.04 29.76 11.18
N ILE B 139 -12.32 28.95 10.42
CA ILE B 139 -10.86 28.99 10.36
C ILE B 139 -10.50 28.54 8.95
N ALA B 140 -9.55 29.22 8.32
CA ALA B 140 -9.17 28.88 6.95
C ALA B 140 -7.66 28.71 6.74
N PHE B 141 -7.30 27.90 5.74
CA PHE B 141 -5.89 27.66 5.43
C PHE B 141 -5.65 27.72 3.94
N GLU B 142 -4.40 27.93 3.56
CA GLU B 142 -4.00 27.96 2.17
C GLU B 142 -2.64 27.30 2.05
N ASN B 143 -2.55 26.30 1.17
CA ASN B 143 -1.31 25.57 0.98
C ASN B 143 -0.79 24.98 2.29
N GLY B 144 -1.71 24.75 3.22
CA GLY B 144 -1.34 24.17 4.51
C GLY B 144 -1.10 25.20 5.60
N GLU B 145 -0.99 26.48 5.22
CA GLU B 145 -0.74 27.55 6.17
C GLU B 145 -2.01 28.27 6.61
N LYS B 146 -2.17 28.46 7.91
CA LYS B 146 -3.35 29.14 8.43
C LYS B 146 -3.34 30.59 7.95
N VAL B 147 -4.42 31.02 7.31
CA VAL B 147 -4.50 32.38 6.82
C VAL B 147 -5.63 33.17 7.49
N GLN B 148 -6.43 32.48 8.30
CA GLN B 148 -7.52 33.11 9.00
C GLN B 148 -7.69 32.43 10.35
N ASP B 149 -7.48 33.19 11.42
CA ASP B 149 -7.60 32.67 12.78
C ASP B 149 -9.03 32.33 13.15
N LEU B 150 -9.20 31.46 14.13
CA LEU B 150 -10.51 31.05 14.60
C LEU B 150 -11.34 32.29 14.90
N GLN B 151 -12.52 32.37 14.29
CA GLN B 151 -13.41 33.51 14.49
C GLN B 151 -14.86 33.07 14.54
N VAL B 152 -15.67 33.80 15.30
CA VAL B 152 -17.09 33.50 15.41
C VAL B 152 -17.78 34.24 14.27
N VAL B 153 -18.44 33.51 13.38
CA VAL B 153 -19.12 34.13 12.25
C VAL B 153 -20.64 34.02 12.28
N GLY B 154 -21.18 33.55 13.39
CA GLY B 154 -22.63 33.43 13.49
C GLY B 154 -23.06 32.65 14.71
N THR B 155 -24.37 32.54 14.90
CA THR B 155 -24.90 31.80 16.04
C THR B 155 -25.92 30.77 15.56
N CYS B 156 -26.17 29.78 16.41
CA CYS B 156 -27.11 28.72 16.10
C CYS B 156 -27.63 28.15 17.41
N GLY B 157 -28.56 27.21 17.32
CA GLY B 157 -29.09 26.60 18.54
C GLY B 157 -27.97 25.82 19.22
N LYS B 158 -27.99 25.82 20.54
CA LYS B 158 -26.97 25.10 21.28
C LYS B 158 -26.95 23.61 20.93
N ARG B 159 -28.11 23.07 20.60
CA ARG B 159 -28.22 21.66 20.26
C ARG B 159 -27.74 21.37 18.83
N ASN B 160 -27.50 22.42 18.06
CA ASN B 160 -27.04 22.25 16.69
C ASN B 160 -25.52 22.30 16.61
N THR B 161 -24.91 21.13 16.49
CA THR B 161 -23.46 21.04 16.40
C THR B 161 -23.05 20.32 15.12
N GLY B 162 -21.78 20.45 14.75
CA GLY B 162 -21.32 19.78 13.54
C GLY B 162 -20.09 20.40 12.92
N THR B 163 -19.64 19.82 11.82
CA THR B 163 -18.46 20.30 11.12
C THR B 163 -18.66 20.38 9.63
N SER B 164 -18.02 21.36 9.03
CA SER B 164 -18.07 21.55 7.59
C SER B 164 -16.64 21.81 7.12
N VAL B 165 -16.21 21.04 6.13
CA VAL B 165 -14.88 21.20 5.56
C VAL B 165 -15.05 21.40 4.07
N HIS B 166 -14.49 22.48 3.56
CA HIS B 166 -14.59 22.81 2.15
C HIS B 166 -13.14 22.99 1.67
N PHE B 167 -12.68 22.12 0.78
CA PHE B 167 -11.31 22.24 0.29
C PHE B 167 -11.16 22.28 -1.22
N TRP B 168 -10.10 22.97 -1.65
CA TRP B 168 -9.76 23.14 -3.07
C TRP B 168 -8.42 22.45 -3.29
N PRO B 169 -8.45 21.21 -3.81
CA PRO B 169 -7.21 20.46 -4.06
C PRO B 169 -6.23 21.20 -4.97
N ASP B 170 -4.95 21.12 -4.66
CA ASP B 170 -3.93 21.76 -5.48
C ASP B 170 -3.60 20.78 -6.62
N GLU B 171 -4.09 21.08 -7.81
CA GLU B 171 -3.88 20.21 -8.97
C GLU B 171 -2.44 19.77 -9.27
N THR B 172 -1.44 20.51 -8.79
CA THR B 172 -0.07 20.11 -9.07
C THR B 172 0.37 18.81 -8.37
N PHE B 173 -0.43 18.32 -7.43
CA PHE B 173 -0.11 17.09 -6.72
C PHE B 173 -0.81 15.88 -7.33
N PHE B 174 -1.76 16.12 -8.24
CA PHE B 174 -2.52 15.04 -8.83
C PHE B 174 -2.38 14.84 -10.34
N ASP B 175 -2.66 13.62 -10.78
CA ASP B 175 -2.60 13.27 -12.19
C ASP B 175 -3.72 14.08 -12.85
N SER B 176 -4.87 14.09 -12.20
CA SER B 176 -6.04 14.82 -12.67
C SER B 176 -6.69 15.51 -11.49
N PRO B 177 -7.06 16.80 -11.66
CA PRO B 177 -7.67 17.53 -10.56
C PRO B 177 -9.17 17.25 -10.40
N ARG B 178 -9.78 16.57 -11.37
CA ARG B 178 -11.20 16.31 -11.27
C ARG B 178 -11.57 15.11 -10.41
N PHE B 179 -12.64 15.27 -9.65
CA PHE B 179 -13.14 14.21 -8.79
C PHE B 179 -13.89 13.21 -9.65
N SER B 180 -13.68 11.93 -9.38
CA SER B 180 -14.40 10.90 -10.12
C SER B 180 -15.80 10.81 -9.50
N VAL B 181 -16.81 11.20 -10.27
CA VAL B 181 -18.19 11.19 -9.77
C VAL B 181 -18.68 9.78 -9.45
N SER B 182 -18.38 8.82 -10.32
CA SER B 182 -18.81 7.45 -10.09
C SER B 182 -18.19 6.89 -8.79
N ARG B 183 -16.94 7.24 -8.53
CA ARG B 183 -16.28 6.77 -7.30
C ARG B 183 -16.86 7.44 -6.05
N LEU B 184 -17.16 8.74 -6.15
CA LEU B 184 -17.74 9.45 -5.02
C LEU B 184 -19.11 8.85 -4.64
N THR B 185 -19.98 8.68 -5.63
CA THR B 185 -21.31 8.14 -5.34
C THR B 185 -21.25 6.71 -4.82
N HIS B 186 -20.32 5.92 -5.37
CA HIS B 186 -20.16 4.54 -4.94
C HIS B 186 -19.80 4.52 -3.46
N VAL B 187 -18.80 5.32 -3.09
CA VAL B 187 -18.38 5.41 -1.69
C VAL B 187 -19.50 5.89 -0.78
N LEU B 188 -20.18 6.96 -1.16
CA LEU B 188 -21.25 7.51 -0.34
C LEU B 188 -22.45 6.59 -0.16
N LYS B 189 -22.85 5.90 -1.22
CA LYS B 189 -23.99 5.00 -1.11
C LYS B 189 -23.65 3.89 -0.12
N ALA B 190 -22.40 3.44 -0.16
CA ALA B 190 -21.96 2.39 0.73
C ALA B 190 -22.03 2.82 2.19
N LYS B 191 -21.75 4.08 2.48
CA LYS B 191 -21.81 4.54 3.88
C LYS B 191 -23.24 4.37 4.39
N ALA B 192 -24.20 4.73 3.55
CA ALA B 192 -25.61 4.62 3.90
C ALA B 192 -26.01 3.17 4.13
N VAL B 193 -25.53 2.28 3.27
CA VAL B 193 -25.84 0.87 3.40
C VAL B 193 -25.25 0.29 4.69
N LEU B 194 -23.99 0.61 4.95
CA LEU B 194 -23.28 0.08 6.11
C LEU B 194 -23.53 0.75 7.47
N CYS B 195 -24.17 1.91 7.47
CA CYS B 195 -24.48 2.59 8.73
C CYS B 195 -25.99 2.86 8.70
N PRO B 196 -26.80 1.81 8.87
CA PRO B 196 -28.26 1.92 8.84
C PRO B 196 -28.83 3.13 9.57
N GLY B 197 -29.62 3.92 8.85
CA GLY B 197 -30.23 5.09 9.47
C GLY B 197 -29.59 6.42 9.13
N VAL B 198 -28.28 6.44 8.89
CA VAL B 198 -27.62 7.70 8.56
C VAL B 198 -28.11 8.17 7.19
N GLU B 199 -28.31 9.47 7.04
CA GLU B 199 -28.76 9.99 5.76
C GLU B 199 -27.53 10.55 5.04
N ILE B 200 -27.36 10.16 3.79
CA ILE B 200 -26.22 10.61 3.00
C ILE B 200 -26.74 11.35 1.77
N THR B 201 -26.12 12.48 1.43
CA THR B 201 -26.52 13.21 0.25
C THR B 201 -25.30 13.64 -0.53
N PHE B 202 -25.46 13.72 -1.84
CA PHE B 202 -24.39 14.13 -2.72
C PHE B 202 -24.97 15.05 -3.76
N LYS B 203 -24.51 16.30 -3.76
CA LYS B 203 -24.97 17.28 -4.72
C LYS B 203 -23.81 17.56 -5.66
N ASP B 204 -24.06 17.39 -6.96
CA ASP B 204 -23.05 17.60 -7.98
C ASP B 204 -23.39 18.89 -8.75
N GLU B 205 -22.70 19.98 -8.43
CA GLU B 205 -22.97 21.25 -9.09
C GLU B 205 -22.27 21.37 -10.44
N ILE B 206 -21.62 20.29 -10.87
CA ILE B 206 -20.94 20.26 -12.15
C ILE B 206 -21.89 19.65 -13.18
N ASN B 207 -22.50 18.54 -12.84
CA ASN B 207 -23.43 17.88 -13.74
C ASN B 207 -24.87 18.16 -13.32
N ASN B 208 -25.01 19.05 -12.34
CA ASN B 208 -26.32 19.46 -11.81
C ASN B 208 -27.22 18.29 -11.46
N THR B 209 -26.83 17.53 -10.45
CA THR B 209 -27.61 16.38 -10.00
C THR B 209 -27.59 16.32 -8.49
N GLU B 210 -28.55 15.59 -7.93
CA GLU B 210 -28.65 15.42 -6.50
C GLU B 210 -29.13 14.01 -6.20
N GLN B 211 -28.51 13.38 -5.21
CA GLN B 211 -28.88 12.02 -4.81
C GLN B 211 -28.82 11.91 -3.30
N ARG B 212 -29.69 11.08 -2.74
CA ARG B 212 -29.71 10.86 -1.30
C ARG B 212 -29.91 9.39 -1.03
N TRP B 213 -29.23 8.88 -0.02
CA TRP B 213 -29.33 7.48 0.37
C TRP B 213 -29.58 7.37 1.86
N CYS B 214 -30.50 6.47 2.22
CA CYS B 214 -30.82 6.20 3.61
C CYS B 214 -31.48 4.83 3.63
N TYR B 215 -30.79 3.84 4.17
CA TYR B 215 -31.31 2.47 4.23
C TYR B 215 -31.40 2.00 5.67
N GLN B 216 -32.55 1.47 6.04
CA GLN B 216 -32.72 0.99 7.40
C GLN B 216 -32.04 -0.36 7.61
N ASP B 217 -31.90 -1.13 6.54
CA ASP B 217 -31.28 -2.45 6.62
C ASP B 217 -31.09 -2.95 5.19
N GLY B 218 -30.01 -2.50 4.54
CA GLY B 218 -29.81 -2.89 3.16
C GLY B 218 -28.57 -3.66 2.74
N LEU B 219 -27.87 -4.31 3.67
CA LEU B 219 -26.69 -5.06 3.28
C LEU B 219 -27.07 -6.17 2.30
N ASN B 220 -28.10 -6.94 2.65
CA ASN B 220 -28.57 -8.02 1.80
C ASN B 220 -29.04 -7.53 0.44
N ASP B 221 -29.87 -6.48 0.45
CA ASP B 221 -30.39 -5.91 -0.79
C ASP B 221 -29.26 -5.35 -1.65
N TYR B 222 -28.26 -4.78 -1.00
CA TYR B 222 -27.12 -4.20 -1.70
C TYR B 222 -26.44 -5.26 -2.58
N LEU B 223 -26.27 -6.46 -2.05
CA LEU B 223 -25.63 -7.52 -2.81
C LEU B 223 -26.60 -8.14 -3.81
N ALA B 224 -27.81 -8.44 -3.35
CA ALA B 224 -28.83 -9.04 -4.21
C ALA B 224 -29.06 -8.20 -5.47
N GLU B 225 -29.16 -6.89 -5.29
CA GLU B 225 -29.38 -6.00 -6.42
C GLU B 225 -28.21 -6.00 -7.40
N ALA B 226 -27.00 -6.05 -6.88
CA ALA B 226 -25.81 -6.04 -7.72
C ALA B 226 -25.73 -7.24 -8.67
N VAL B 227 -26.24 -8.38 -8.23
CA VAL B 227 -26.22 -9.60 -9.03
C VAL B 227 -27.59 -9.94 -9.61
N ASN B 228 -28.53 -9.01 -9.52
CA ASN B 228 -29.88 -9.24 -10.03
C ASN B 228 -29.83 -9.51 -11.53
N GLY B 229 -30.49 -10.58 -11.97
CA GLY B 229 -30.50 -10.92 -13.37
C GLY B 229 -29.55 -12.04 -13.71
N LEU B 230 -28.65 -12.35 -12.78
CA LEU B 230 -27.67 -13.41 -12.96
C LEU B 230 -28.02 -14.62 -12.10
N PRO B 231 -27.82 -15.83 -12.65
CA PRO B 231 -28.12 -17.06 -11.90
C PRO B 231 -27.18 -17.18 -10.70
N THR B 232 -27.75 -17.47 -9.53
CA THR B 232 -26.93 -17.60 -8.33
C THR B 232 -27.29 -18.80 -7.47
N LEU B 233 -26.35 -19.16 -6.61
CA LEU B 233 -26.51 -20.27 -5.69
C LEU B 233 -25.92 -19.81 -4.36
N PRO B 234 -26.75 -19.68 -3.32
CA PRO B 234 -28.21 -19.95 -3.28
C PRO B 234 -28.94 -18.87 -4.06
N GLU B 235 -30.27 -18.97 -4.10
CA GLU B 235 -31.07 -17.98 -4.83
C GLU B 235 -31.01 -16.62 -4.13
N LYS B 236 -30.92 -16.64 -2.81
CA LYS B 236 -30.83 -15.42 -2.02
C LYS B 236 -29.52 -15.51 -1.24
N PRO B 237 -28.90 -14.36 -0.94
CA PRO B 237 -27.64 -14.34 -0.21
C PRO B 237 -27.64 -15.07 1.13
N PHE B 238 -26.49 -15.65 1.46
CA PHE B 238 -26.30 -16.30 2.74
C PHE B 238 -25.83 -15.11 3.57
N ILE B 239 -26.54 -14.81 4.64
CA ILE B 239 -26.18 -13.68 5.49
C ILE B 239 -25.80 -14.09 6.89
N GLY B 240 -25.11 -13.20 7.59
CA GLY B 240 -24.70 -13.50 8.94
C GLY B 240 -24.22 -12.24 9.63
N ASN B 241 -24.11 -12.32 10.94
CA ASN B 241 -23.63 -11.19 11.72
C ASN B 241 -23.35 -11.61 13.14
N PHE B 242 -22.23 -11.13 13.66
CA PHE B 242 -21.83 -11.42 15.02
C PHE B 242 -21.40 -10.11 15.63
N ALA B 243 -21.87 -9.83 16.83
CA ALA B 243 -21.52 -8.60 17.50
C ALA B 243 -20.99 -8.86 18.90
N GLY B 244 -19.80 -8.32 19.16
CA GLY B 244 -19.19 -8.46 20.46
C GLY B 244 -18.92 -7.05 20.96
N ASP B 245 -18.18 -6.92 22.06
CA ASP B 245 -17.89 -5.59 22.59
C ASP B 245 -16.74 -4.93 21.85
N THR B 246 -15.70 -5.70 21.54
CA THR B 246 -14.55 -5.15 20.85
C THR B 246 -14.54 -5.39 19.34
N GLU B 247 -15.53 -6.10 18.82
CA GLU B 247 -15.57 -6.36 17.39
C GLU B 247 -16.90 -6.92 16.91
N ALA B 248 -17.09 -6.91 15.60
CA ALA B 248 -18.31 -7.42 14.98
C ALA B 248 -18.07 -7.70 13.50
N VAL B 249 -18.93 -8.50 12.92
CA VAL B 249 -18.82 -8.82 11.51
C VAL B 249 -20.19 -9.09 10.91
N ASP B 250 -20.43 -8.50 9.73
CA ASP B 250 -21.68 -8.68 9.00
C ASP B 250 -21.33 -9.02 7.55
N TRP B 251 -22.15 -9.86 6.92
CA TRP B 251 -21.88 -10.23 5.55
C TRP B 251 -23.10 -10.72 4.79
N ALA B 252 -22.99 -10.68 3.47
CA ALA B 252 -24.02 -11.17 2.56
C ALA B 252 -23.21 -11.74 1.42
N LEU B 253 -23.42 -13.00 1.08
CA LEU B 253 -22.66 -13.60 0.00
C LEU B 253 -23.40 -14.71 -0.70
N LEU B 254 -22.97 -14.99 -1.93
CA LEU B 254 -23.56 -16.06 -2.73
C LEU B 254 -22.60 -16.37 -3.86
N TRP B 255 -22.90 -17.40 -4.64
CA TRP B 255 -22.04 -17.80 -5.73
C TRP B 255 -22.67 -17.66 -7.10
N LEU B 256 -21.84 -17.42 -8.11
CA LEU B 256 -22.30 -17.30 -9.49
C LEU B 256 -21.52 -18.33 -10.29
N PRO B 257 -21.73 -19.63 -10.01
CA PRO B 257 -21.02 -20.71 -10.71
C PRO B 257 -21.16 -20.71 -12.25
N GLU B 258 -22.26 -20.20 -12.76
CA GLU B 258 -22.45 -20.16 -14.21
C GLU B 258 -21.70 -19.01 -14.86
N GLY B 259 -21.24 -18.06 -14.04
CA GLY B 259 -20.52 -16.93 -14.58
C GLY B 259 -21.20 -15.63 -14.22
N GLY B 260 -20.69 -14.52 -14.74
CA GLY B 260 -21.27 -13.24 -14.43
C GLY B 260 -20.32 -12.40 -13.59
N GLU B 261 -20.51 -11.09 -13.62
CA GLU B 261 -19.67 -10.17 -12.87
C GLU B 261 -19.89 -10.32 -11.37
N LEU B 262 -18.80 -10.56 -10.64
CA LEU B 262 -18.87 -10.72 -9.19
C LEU B 262 -18.80 -9.37 -8.49
N LEU B 263 -19.45 -9.29 -7.34
CA LEU B 263 -19.37 -8.10 -6.52
C LEU B 263 -18.55 -8.61 -5.34
N THR B 264 -17.41 -7.97 -5.08
CA THR B 264 -16.55 -8.38 -3.98
C THR B 264 -16.09 -7.13 -3.23
N GLU B 265 -16.80 -6.79 -2.17
CA GLU B 265 -16.47 -5.61 -1.39
C GLU B 265 -16.18 -5.91 0.06
N SER B 266 -15.13 -5.28 0.56
CA SER B 266 -14.69 -5.46 1.94
C SER B 266 -14.57 -4.12 2.66
N TYR B 267 -14.98 -4.09 3.93
CA TYR B 267 -14.92 -2.87 4.75
C TYR B 267 -14.49 -3.12 6.20
N VAL B 268 -13.78 -2.16 6.78
CA VAL B 268 -13.35 -2.22 8.18
C VAL B 268 -13.69 -0.85 8.77
N ASN B 269 -14.65 -0.85 9.71
CA ASN B 269 -15.13 0.38 10.33
C ASN B 269 -15.59 1.34 9.24
N LEU B 270 -16.22 0.76 8.23
CA LEU B 270 -16.76 1.48 7.07
C LEU B 270 -15.69 1.98 6.08
N ILE B 271 -14.44 1.63 6.32
CA ILE B 271 -13.37 2.01 5.41
C ILE B 271 -13.30 0.94 4.32
N PRO B 272 -13.44 1.33 3.04
CA PRO B 272 -13.37 0.32 1.99
C PRO B 272 -11.94 -0.21 1.78
N THR B 273 -11.74 -1.50 2.02
CA THR B 273 -10.43 -2.10 1.83
C THR B 273 -10.35 -2.75 0.46
N MET B 274 -10.03 -1.94 -0.54
CA MET B 274 -9.95 -2.37 -1.93
C MET B 274 -9.06 -3.58 -2.18
N GLN B 275 -8.05 -3.79 -1.32
CA GLN B 275 -7.17 -4.93 -1.47
C GLN B 275 -7.40 -5.96 -0.38
N GLY B 276 -8.59 -5.95 0.21
CA GLY B 276 -8.91 -6.90 1.25
C GLY B 276 -7.97 -6.92 2.44
N GLY B 277 -7.52 -8.11 2.82
CA GLY B 277 -6.63 -8.24 3.95
C GLY B 277 -7.05 -9.39 4.85
N THR B 278 -6.63 -9.34 6.11
CA THR B 278 -6.92 -10.42 7.06
C THR B 278 -8.40 -10.75 7.27
N HIS B 279 -9.27 -9.74 7.24
CA HIS B 279 -10.70 -9.99 7.41
C HIS B 279 -11.23 -10.80 6.23
N VAL B 280 -10.79 -10.45 5.01
CA VAL B 280 -11.22 -11.17 3.83
C VAL B 280 -10.63 -12.59 3.86
N ASN B 281 -9.37 -12.70 4.28
CA ASN B 281 -8.71 -14.01 4.38
C ASN B 281 -9.50 -14.90 5.34
N GLY B 282 -10.05 -14.29 6.39
CA GLY B 282 -10.84 -15.05 7.35
C GLY B 282 -12.15 -15.53 6.79
N LEU B 283 -12.83 -14.67 6.03
CA LEU B 283 -14.10 -15.03 5.40
C LEU B 283 -13.89 -16.24 4.48
N ARG B 284 -12.87 -16.16 3.63
CA ARG B 284 -12.56 -17.24 2.71
C ARG B 284 -12.27 -18.54 3.46
N GLN B 285 -11.42 -18.47 4.49
CA GLN B 285 -11.06 -19.65 5.29
C GLN B 285 -12.26 -20.28 5.99
N GLY B 286 -13.13 -19.44 6.54
CA GLY B 286 -14.29 -19.93 7.24
C GLY B 286 -15.21 -20.69 6.30
N LEU B 287 -15.36 -20.18 5.08
CA LEU B 287 -16.19 -20.81 4.06
C LEU B 287 -15.58 -22.18 3.74
N LEU B 288 -14.28 -22.19 3.51
CA LEU B 288 -13.57 -23.43 3.19
C LEU B 288 -13.69 -24.48 4.30
N ASP B 289 -13.35 -24.09 5.53
CA ASP B 289 -13.43 -25.02 6.67
C ASP B 289 -14.81 -25.62 6.82
N ALA B 290 -15.84 -24.79 6.68
CA ALA B 290 -17.20 -25.26 6.81
C ALA B 290 -17.57 -26.25 5.70
N MET B 291 -17.23 -25.91 4.45
CA MET B 291 -17.56 -26.80 3.33
C MET B 291 -16.82 -28.14 3.43
N ARG B 292 -15.55 -28.10 3.86
CA ARG B 292 -14.78 -29.33 4.01
C ARG B 292 -15.49 -30.21 5.04
N GLU B 293 -15.87 -29.61 6.16
CA GLU B 293 -16.54 -30.35 7.22
C GLU B 293 -17.82 -30.98 6.72
N PHE B 294 -18.64 -30.19 6.02
CA PHE B 294 -19.89 -30.66 5.47
C PHE B 294 -19.66 -31.87 4.57
N CYS B 295 -18.69 -31.75 3.66
CA CYS B 295 -18.38 -32.81 2.71
C CYS B 295 -17.77 -34.06 3.35
N GLU B 296 -16.93 -33.88 4.36
CA GLU B 296 -16.31 -35.01 5.03
C GLU B 296 -17.32 -35.80 5.85
N TYR B 297 -18.24 -35.09 6.49
CA TYR B 297 -19.26 -35.73 7.30
C TYR B 297 -20.27 -36.50 6.45
N ARG B 298 -20.49 -36.06 5.21
CA ARG B 298 -21.42 -36.73 4.32
C ARG B 298 -20.76 -37.73 3.38
N ASN B 299 -19.45 -37.89 3.53
CA ASN B 299 -18.67 -38.82 2.71
C ASN B 299 -18.88 -38.68 1.21
N ILE B 300 -19.08 -37.46 0.73
CA ILE B 300 -19.29 -37.26 -0.69
C ILE B 300 -18.00 -36.86 -1.40
N LEU B 301 -16.93 -36.69 -0.65
CA LEU B 301 -15.64 -36.30 -1.20
C LEU B 301 -14.98 -37.52 -1.86
N PRO B 302 -14.81 -37.49 -3.19
CA PRO B 302 -14.19 -38.62 -3.90
C PRO B 302 -12.74 -38.84 -3.50
N ARG B 303 -12.25 -40.05 -3.76
CA ARG B 303 -10.88 -40.42 -3.42
C ARG B 303 -9.86 -39.49 -4.07
N GLY B 304 -8.89 -39.06 -3.28
CA GLY B 304 -7.85 -38.18 -3.77
C GLY B 304 -8.28 -36.73 -3.98
N VAL B 305 -9.53 -36.42 -3.66
CA VAL B 305 -10.03 -35.06 -3.84
C VAL B 305 -10.04 -34.26 -2.54
N LYS B 306 -9.29 -33.18 -2.51
CA LYS B 306 -9.24 -32.31 -1.34
C LYS B 306 -9.62 -30.89 -1.76
N LEU B 307 -10.50 -30.25 -1.01
CA LEU B 307 -10.93 -28.89 -1.32
C LEU B 307 -9.84 -27.87 -0.99
N SER B 308 -9.78 -26.80 -1.79
CA SER B 308 -8.85 -25.71 -1.57
C SER B 308 -9.67 -24.43 -1.60
N ALA B 309 -9.13 -23.35 -1.05
CA ALA B 309 -9.84 -22.07 -1.01
C ALA B 309 -10.51 -21.70 -2.32
N GLU B 310 -9.78 -21.86 -3.43
CA GLU B 310 -10.29 -21.54 -4.76
C GLU B 310 -11.64 -22.20 -5.10
N ASP B 311 -11.84 -23.42 -4.60
CA ASP B 311 -13.07 -24.16 -4.88
C ASP B 311 -14.35 -23.50 -4.37
N ILE B 312 -14.24 -22.68 -3.33
CA ILE B 312 -15.42 -21.99 -2.81
C ILE B 312 -15.27 -20.47 -2.92
N TRP B 313 -14.15 -20.02 -3.45
CA TRP B 313 -13.87 -18.58 -3.56
C TRP B 313 -13.89 -18.00 -4.97
N ASP B 314 -13.50 -18.79 -5.98
CA ASP B 314 -13.46 -18.30 -7.36
C ASP B 314 -14.74 -17.61 -7.86
N ARG B 315 -15.89 -18.13 -7.47
CA ARG B 315 -17.15 -17.58 -7.92
C ARG B 315 -17.97 -16.94 -6.82
N CYS B 316 -17.32 -16.59 -5.72
CA CYS B 316 -18.03 -16.00 -4.60
C CYS B 316 -18.18 -14.48 -4.69
N ALA B 317 -19.43 -14.02 -4.71
CA ALA B 317 -19.72 -12.59 -4.74
C ALA B 317 -20.07 -12.26 -3.28
N TYR B 318 -19.47 -11.23 -2.71
CA TYR B 318 -19.73 -10.92 -1.31
C TYR B 318 -19.56 -9.47 -0.90
N VAL B 319 -20.16 -9.15 0.25
CA VAL B 319 -20.01 -7.83 0.84
C VAL B 319 -19.69 -8.15 2.30
N LEU B 320 -18.51 -7.72 2.75
CA LEU B 320 -18.06 -7.98 4.11
C LEU B 320 -17.83 -6.67 4.85
N SER B 321 -18.39 -6.56 6.05
CA SER B 321 -18.24 -5.36 6.86
C SER B 321 -17.86 -5.75 8.29
N VAL B 322 -16.63 -5.41 8.66
CA VAL B 322 -16.11 -5.73 9.99
C VAL B 322 -15.95 -4.48 10.86
N LYS B 323 -16.15 -4.66 12.16
CA LYS B 323 -16.00 -3.59 13.15
C LYS B 323 -14.86 -4.01 14.08
N MET B 324 -13.89 -3.13 14.31
CA MET B 324 -12.77 -3.42 15.20
C MET B 324 -12.42 -2.21 16.04
N GLN B 325 -12.07 -2.43 17.30
CA GLN B 325 -11.69 -1.33 18.17
C GLN B 325 -10.32 -0.76 17.85
N ASP B 326 -9.43 -1.63 17.38
CA ASP B 326 -8.08 -1.17 17.06
C ASP B 326 -7.55 -1.85 15.80
N PRO B 327 -8.05 -1.42 14.64
CA PRO B 327 -7.60 -2.02 13.38
C PRO B 327 -6.17 -1.60 13.01
N GLN B 328 -5.61 -2.30 12.04
CA GLN B 328 -4.27 -1.99 11.56
C GLN B 328 -4.29 -2.06 10.03
N PHE B 329 -3.99 -0.94 9.39
CA PHE B 329 -3.98 -0.87 7.92
C PHE B 329 -2.56 -0.80 7.40
N ALA B 330 -2.36 -1.26 6.16
CA ALA B 330 -1.04 -1.28 5.56
C ALA B 330 -0.53 0.08 5.08
N GLY B 331 -1.41 1.08 5.04
CA GLY B 331 -1.00 2.40 4.60
C GLY B 331 -2.09 3.42 4.85
N GLN B 332 -1.77 4.70 4.69
CA GLN B 332 -2.74 5.78 4.91
C GLN B 332 -4.01 5.66 4.05
N THR B 333 -3.89 5.12 2.83
CA THR B 333 -5.07 4.97 1.98
C THR B 333 -5.92 3.80 2.42
N LYS B 334 -5.41 3.02 3.37
CA LYS B 334 -6.12 1.89 3.94
C LYS B 334 -6.76 0.92 2.94
N GLU B 335 -5.96 0.47 1.97
CA GLU B 335 -6.45 -0.48 0.97
C GLU B 335 -6.48 -1.90 1.53
N ARG B 336 -5.63 -2.17 2.52
CA ARG B 336 -5.55 -3.51 3.09
C ARG B 336 -5.48 -3.54 4.60
N LEU B 337 -6.22 -4.47 5.20
CA LEU B 337 -6.22 -4.66 6.64
C LEU B 337 -5.12 -5.67 6.95
N SER B 338 -4.20 -5.32 7.84
CA SER B 338 -3.13 -6.25 8.19
C SER B 338 -3.21 -6.81 9.61
N SER B 339 -4.29 -6.51 10.35
CA SER B 339 -4.48 -7.01 11.72
C SER B 339 -4.43 -8.54 11.73
N ARG B 340 -3.35 -9.09 12.25
CA ARG B 340 -3.15 -10.54 12.31
C ARG B 340 -4.34 -11.34 12.83
N GLN B 341 -4.86 -10.96 13.99
CA GLN B 341 -5.96 -11.69 14.61
C GLN B 341 -7.35 -11.62 13.97
N CYS B 342 -7.58 -10.64 13.10
CA CYS B 342 -8.90 -10.53 12.50
C CYS B 342 -9.25 -11.74 11.64
N ALA B 343 -8.23 -12.40 11.10
CA ALA B 343 -8.44 -13.58 10.26
C ALA B 343 -9.16 -14.68 11.05
N ALA B 344 -8.59 -15.04 12.19
CA ALA B 344 -9.18 -16.09 13.03
C ALA B 344 -10.57 -15.70 13.51
N PHE B 345 -10.75 -14.43 13.86
CA PHE B 345 -12.06 -13.96 14.33
C PHE B 345 -13.14 -14.20 13.28
N VAL B 346 -12.97 -13.63 12.09
CA VAL B 346 -13.97 -13.78 11.04
C VAL B 346 -14.12 -15.24 10.60
N SER B 347 -13.00 -15.94 10.48
CA SER B 347 -13.03 -17.33 10.07
C SER B 347 -13.92 -18.18 10.99
N GLY B 348 -13.72 -18.02 12.30
CA GLY B 348 -14.50 -18.77 13.27
C GLY B 348 -16.00 -18.48 13.20
N VAL B 349 -16.34 -17.21 13.11
CA VAL B 349 -17.75 -16.83 13.03
C VAL B 349 -18.38 -17.35 11.75
N VAL B 350 -17.70 -17.17 10.62
CA VAL B 350 -18.24 -17.63 9.36
C VAL B 350 -18.39 -19.14 9.30
N LYS B 351 -17.36 -19.86 9.74
CA LYS B 351 -17.43 -21.32 9.74
C LYS B 351 -18.67 -21.81 10.51
N ASP B 352 -18.79 -21.38 11.76
CA ASP B 352 -19.92 -21.79 12.58
C ASP B 352 -21.25 -21.46 11.92
N ALA B 353 -21.36 -20.27 11.35
CA ALA B 353 -22.59 -19.86 10.71
C ALA B 353 -22.88 -20.62 9.40
N PHE B 354 -21.84 -20.93 8.64
CA PHE B 354 -22.05 -21.64 7.38
C PHE B 354 -22.38 -23.12 7.60
N ILE B 355 -21.72 -23.76 8.56
CA ILE B 355 -22.01 -25.17 8.83
C ILE B 355 -23.46 -25.27 9.25
N LEU B 356 -23.90 -24.32 10.06
CA LEU B 356 -25.28 -24.30 10.55
C LEU B 356 -26.24 -24.10 9.38
N TRP B 357 -25.93 -23.12 8.53
CA TRP B 357 -26.77 -22.81 7.38
C TRP B 357 -26.85 -24.00 6.43
N LEU B 358 -25.70 -24.65 6.20
CA LEU B 358 -25.61 -25.79 5.30
C LEU B 358 -26.55 -26.93 5.76
N ASN B 359 -26.56 -27.19 7.06
CA ASN B 359 -27.40 -28.24 7.62
C ASN B 359 -28.88 -27.90 7.65
N GLN B 360 -29.19 -26.61 7.56
CA GLN B 360 -30.58 -26.16 7.57
C GLN B 360 -31.12 -25.95 6.17
N ASN B 361 -30.27 -26.09 5.16
CA ASN B 361 -30.68 -25.92 3.77
C ASN B 361 -30.04 -27.01 2.92
N VAL B 362 -30.35 -28.26 3.27
CA VAL B 362 -29.80 -29.43 2.58
C VAL B 362 -29.78 -29.35 1.06
N GLN B 363 -30.92 -29.02 0.46
CA GLN B 363 -31.01 -28.93 -0.99
C GLN B 363 -29.96 -27.99 -1.61
N ALA B 364 -29.83 -26.79 -1.05
CA ALA B 364 -28.87 -25.82 -1.55
C ALA B 364 -27.46 -26.26 -1.16
N ALA B 365 -27.33 -26.89 0.01
CA ALA B 365 -26.04 -27.37 0.48
C ALA B 365 -25.48 -28.42 -0.48
N GLU B 366 -26.35 -29.32 -0.93
CA GLU B 366 -25.91 -30.36 -1.86
C GLU B 366 -25.40 -29.75 -3.16
N LEU B 367 -26.08 -28.71 -3.64
CA LEU B 367 -25.67 -28.03 -4.86
C LEU B 367 -24.33 -27.32 -4.68
N LEU B 368 -24.16 -26.67 -3.54
CA LEU B 368 -22.92 -25.96 -3.25
C LEU B 368 -21.76 -26.94 -3.12
N ALA B 369 -22.01 -28.10 -2.52
CA ALA B 369 -20.97 -29.11 -2.37
C ALA B 369 -20.60 -29.64 -3.76
N GLU B 370 -21.61 -29.82 -4.60
CA GLU B 370 -21.41 -30.31 -5.96
C GLU B 370 -20.52 -29.29 -6.68
N MET B 371 -20.83 -28.02 -6.50
CA MET B 371 -20.07 -26.94 -7.11
C MET B 371 -18.60 -26.98 -6.67
N ALA B 372 -18.37 -27.07 -5.36
CA ALA B 372 -17.02 -27.10 -4.80
C ALA B 372 -16.23 -28.34 -5.21
N ILE B 373 -16.85 -29.50 -5.10
CA ILE B 373 -16.18 -30.74 -5.45
C ILE B 373 -15.86 -30.84 -6.94
N SER B 374 -16.82 -30.49 -7.80
CA SER B 374 -16.59 -30.54 -9.24
C SER B 374 -15.47 -29.54 -9.58
N SER B 375 -15.36 -28.48 -8.80
CA SER B 375 -14.31 -27.49 -9.02
C SER B 375 -12.96 -28.09 -8.67
N ALA B 376 -12.88 -28.75 -7.52
CA ALA B 376 -11.63 -29.37 -7.09
C ALA B 376 -11.22 -30.41 -8.13
N GLN B 377 -12.20 -31.16 -8.63
CA GLN B 377 -11.92 -32.18 -9.63
C GLN B 377 -11.40 -31.60 -10.94
N ARG B 378 -12.05 -30.57 -11.48
CA ARG B 378 -11.57 -30.04 -12.75
C ARG B 378 -10.23 -29.32 -12.64
N ARG B 379 -9.97 -28.69 -11.49
CA ARG B 379 -8.68 -28.00 -11.31
C ARG B 379 -7.59 -29.07 -11.30
N MET B 380 -7.89 -30.23 -10.73
CA MET B 380 -6.91 -31.33 -10.69
C MET B 380 -6.65 -31.86 -12.09
N ARG B 381 -7.71 -32.06 -12.87
CA ARG B 381 -7.55 -32.57 -14.23
C ARG B 381 -6.72 -31.58 -15.04
N ALA B 382 -6.97 -30.29 -14.83
CA ALA B 382 -6.24 -29.24 -15.55
C ALA B 382 -4.75 -29.30 -15.27
N ALA B 383 -4.38 -29.49 -14.01
CA ALA B 383 -2.96 -29.56 -13.64
C ALA B 383 -2.32 -30.85 -14.16
MG MG C . 14.95 9.33 9.72
S SO4 D . 12.17 -19.14 4.99
O1 SO4 D . 12.92 -19.29 3.77
O2 SO4 D . 11.19 -18.12 4.82
O3 SO4 D . 11.49 -20.38 5.27
O4 SO4 D . 13.05 -18.80 6.08
PG ANP E . 13.44 5.79 3.31
O1G ANP E . 13.15 4.29 3.45
O2G ANP E . 12.87 6.29 1.99
O3G ANP E . 12.76 6.51 4.42
PB ANP E . 15.82 7.46 3.75
O1B ANP E . 17.25 7.36 3.33
O2B ANP E . 15.12 8.62 3.00
N3B ANP E . 15.04 6.10 3.38
PA ANP E . 16.30 7.10 6.56
O1A ANP E . 15.55 7.50 7.82
O2A ANP E . 16.26 5.63 6.39
O3A ANP E . 15.66 7.88 5.29
O5' ANP E . 17.78 7.53 6.68
C5' ANP E . 18.04 8.95 6.89
C4' ANP E . 19.34 9.45 6.25
O4' ANP E . 20.46 8.97 6.97
C3' ANP E . 19.49 8.89 4.82
O3' ANP E . 18.73 9.70 3.86
C2' ANP E . 21.01 9.10 4.63
O2' ANP E . 21.35 10.49 4.47
C1' ANP E . 21.47 8.61 6.02
N9 ANP E . 22.00 7.25 6.14
C8 ANP E . 21.25 6.18 6.56
N7 ANP E . 21.94 5.03 6.44
C5 ANP E . 23.13 5.33 5.93
C6 ANP E . 24.31 4.62 5.56
N6 ANP E . 24.37 3.24 5.71
N1 ANP E . 25.38 5.32 5.05
C2 ANP E . 25.46 6.69 4.85
N3 ANP E . 24.37 7.46 5.19
C4 ANP E . 23.21 6.80 5.72
MG MG F . -4.13 15.50 12.09
S SO4 G . -16.26 9.77 -13.54
O1 SO4 G . -16.58 9.68 -14.95
O2 SO4 G . -16.50 11.10 -13.07
O3 SO4 G . -17.09 8.86 -12.79
O4 SO4 G . -14.86 9.40 -13.40
PG ANP H . -7.03 9.05 9.64
O1G ANP H . -7.38 9.03 8.18
O2G ANP H . -6.87 7.60 10.10
O3G ANP H . -5.67 9.70 9.78
PB ANP H . -7.96 10.52 11.98
O1B ANP H . -9.33 10.84 12.44
O2B ANP H . -7.24 9.54 12.91
N3B ANP H . -8.08 9.80 10.54
PA ANP H . -7.45 13.19 11.19
O1A ANP H . -6.18 14.02 10.92
O2A ANP H . -8.22 12.99 9.90
O3A ANP H . -7.03 11.80 11.85
O5' ANP H . -8.38 13.96 12.22
C5' ANP H . -7.84 14.14 13.57
C4' ANP H . -8.93 14.15 14.65
O4' ANP H . -9.75 15.31 14.50
C3' ANP H . -9.87 12.95 14.51
O3' ANP H . -9.28 11.77 15.14
C2' ANP H . -11.13 13.43 15.25
O2' ANP H . -10.97 13.42 16.69
C1' ANP H . -11.11 14.90 14.74
N9 ANP H . -12.05 15.31 13.72
C8 ANP H . -11.75 15.37 12.38
N7 ANP H . -12.86 15.52 11.63
C5 ANP H . -13.91 15.56 12.46
C6 ANP H . -15.34 15.69 12.37
N6 ANP H . -16.02 15.79 11.17
N1 ANP H . -16.09 15.68 13.53
C2 ANP H . -15.60 15.57 14.83
N3 ANP H . -14.24 15.44 15.01
C4 ANP H . -13.40 15.43 13.87
#